data_9OCI
#
_entry.id   9OCI
#
_cell.length_a   1.00
_cell.length_b   1.00
_cell.length_c   1.00
_cell.angle_alpha   90.00
_cell.angle_beta   90.00
_cell.angle_gamma   90.00
#
_symmetry.space_group_name_H-M   'P 1'
#
loop_
_entity.id
_entity.type
_entity.pdbx_description
1 polymer 'Antigen peptide transporter 2'
2 polymer 'TAP transport inhibitor rhUS6'
3 polymer 'Antigen peptide transporter 1'
4 non-polymer "ADENOSINE-5'-DIPHOSPHATE"
5 non-polymer 'MAGNESIUM ION'
6 non-polymer "ADENOSINE-5'-TRIPHOSPHATE"
#
loop_
_entity_poly.entity_id
_entity_poly.type
_entity_poly.pdbx_seq_one_letter_code
_entity_poly.pdbx_strand_id
1 'polypeptide(L)'
;MRLPDLRPWTSLLLVDAALLWLLQGPLGTLLPQGLPGLWLEGTLRLGGLWGLLKLRGLLGFVGTLLLPLCLATPLTVSLR
ALVAGASRAPPARVASAPWSWLLVGYGAAGLSWSLWAVLSPPGAQEKEQDQVNNKVLMWRLLKLSRPDLPLLVAAFFFLV
LAVLGETLIPHYSGRVIDILGGDFDPHAFASAIFFMCLFSFGSSLSAGCRGGCFTYTMSRINLRIREQLFSSLLRQDLGF
FQETKTGELNSRLSSDTTLMSNWLPLNANVLLRSLVKVVGLYGFMLSISPRLTLLSLLHMPFTIAAEKVYNTRHQEVLRE
IQDAVARAGQVVREAVGGLQTVRSFGAEEHEVCRYKEALEQCRQLYWRRDLERALYLLVRRVLHLGVQMLMLSCGLQQMQ
DGELTQGSLLSFMIYQESVGSYVQTLVYIYGDMLSNVGAAEKVFSYMDRQPNLPSPGTLAPTTLQGVVKFQDVSFAYPNR
PDRPVLKGLTFTLRPGEVTALVGPNGSGKSTVAALLQNLYQPTGGQVLLDEKPISQYEHCYLHSQVVSVGQEPVLFSGSV
RNNIAYGLQSCEDDKVMAAAQAAHADDFIQEMEHGIYTDVGEKGSQLAAGQKQRLAIARALVRDPRVLILDEATSALDVQ
CEQALQDWNSRGDRTVLVIAHRLQTVQRAHQILVLQEGKLQKLAQL
;
B
2 'polypeptide(L)'
;MKPLCGSCGSNENVVIGSLLCLLVLSGVTSAWRNDSNTLQKQDGNMEKTCDRVPQPDNGLHQKEAGRHCPFTDQGPACDA
FMRRYERAIRILGCDPELRFHHGHALNIRGLFGCPKTTPKGIVFLLERYGGATLMLYLLMILLSLMLTALMLYVIEDLDR
VRCLRRCGSHGSSGGGSSGSGGENLYFQGSGGGSGGSGGGMGRGVPHIVVDAYKRYKSAQLEVLFQ
;
D
3 'polypeptide(L)'
;MASSRCPAPRGCRCLPGASLAWLGTVLLLLADWVLLRTALPRIFSLLVPTALPLLRVWAVGLSRWAVLWLGACGVLRATV
GSKSENAGAQGWLAALKPLAAALGLALPGLALFRELISWGAPGSADSTRLLHWGSHPTAFVVSYAAALPAAALWHKLGSL
WVPGGQGGSGNPVRRLLGCLGSETRRLSLFLVLVVLSSLGEMAIPFFTGRLTDWILQDGSADTFTRNLTLMSILTIASAV
LEFVGDGIYNNTMGHVHSHLQGEVFGAVLRQETEFFQQNQTGNIMSRVTEDTSTLSDSLSENLSLFLWYLVRGLCLLGIM
LWGSVSLTMVTLITLPLLFLLPKKVGKWYQLLEVQVRESLAKSSQVAIEALSAMPTVRSFANEEGEAQKFREKLQEIKTL
NQKEAVAYAVNSWTTSISGMLLKVGILYIGGQLVTSGAVSSGNLVTFVLYQMQFTQAVEVLLSIYPRVQKAVGSSEKIFE
YLDRTPRCPPSGLLTPLHLEGLVQFQDVSFAYPNRPDVLVLQGLTFTLRPGEVTALVGPNGSGKSTVAALLQNLYQPTGG
QLLLDGKPLPQYEHRYLHRQVAAVGQEPQVFGRSLQENIAYGLTQKPTMEEITAAAVKSGAHSFISGLPQGYDTEVDEAG
SQLSGGQRQAVALARALIRKPCVLILDDATSALDANSQLQVEQLLYESPERYSRSVLLITQHLSLVEQADHILFLEGGAI
REGGTHQQLMEKKGCYWAMVQAPADAPESAQLEGSGGGAMVTTLSGLSGEQGPSGDMTTEEDSATHIKFSKRDEDGRELA
GATMELRDSSGKTISTWISDGHVKDFYLYPGKYTFVETAAPDGYEVATPIEFTVNEDGQVTVDGEATEGDAHTSGGGHHH
HHHHHHH
;
A
#
# COMPACT_ATOMS: atom_id res chain seq x y z
N ASN A 134 4.42 17.12 16.61
CA ASN A 134 4.26 18.43 17.22
C ASN A 134 2.82 18.60 17.71
N LYS A 135 2.59 19.63 18.54
CA LYS A 135 1.26 19.86 19.10
C LYS A 135 0.25 20.22 18.02
N VAL A 136 0.70 20.86 16.93
CA VAL A 136 -0.22 21.32 15.90
C VAL A 136 -0.88 20.15 15.19
N LEU A 137 -0.07 19.17 14.76
CA LEU A 137 -0.63 18.00 14.10
C LEU A 137 -1.46 17.16 15.07
N MET A 138 -1.02 17.06 16.33
CA MET A 138 -1.76 16.29 17.32
C MET A 138 -3.13 16.93 17.57
N TRP A 139 -3.16 18.26 17.65
CA TRP A 139 -4.42 18.98 17.80
C TRP A 139 -5.30 18.79 16.57
N ARG A 140 -4.70 18.76 15.38
CA ARG A 140 -5.46 18.53 14.16
C ARG A 140 -6.13 17.15 14.20
N LEU A 141 -5.42 16.15 14.72
CA LEU A 141 -6.00 14.81 14.79
C LEU A 141 -7.18 14.76 15.78
N LEU A 142 -7.07 15.50 16.88
CA LEU A 142 -8.19 15.58 17.83
C LEU A 142 -9.44 16.14 17.16
N LYS A 143 -9.28 17.15 16.32
CA LYS A 143 -10.41 17.65 15.55
C LYS A 143 -10.96 16.56 14.64
N LEU A 144 -10.08 15.76 14.04
CA LEU A 144 -10.55 14.65 13.23
C LEU A 144 -11.10 13.52 14.10
N SER A 145 -10.54 13.33 15.30
CA SER A 145 -11.02 12.28 16.19
C SER A 145 -12.23 12.69 17.01
N ARG A 146 -12.71 13.93 16.83
CA ARG A 146 -13.85 14.44 17.59
C ARG A 146 -15.11 13.59 17.51
N PRO A 147 -15.54 13.07 16.35
CA PRO A 147 -16.77 12.26 16.33
C PRO A 147 -16.67 10.97 17.13
N ASP A 148 -15.46 10.48 17.41
CA ASP A 148 -15.27 9.18 18.05
C ASP A 148 -15.14 9.25 19.56
N LEU A 149 -15.29 10.43 20.16
CA LEU A 149 -15.16 10.60 21.61
C LEU A 149 -16.05 9.66 22.43
N PRO A 150 -17.31 9.41 22.04
CA PRO A 150 -18.12 8.46 22.83
C PRO A 150 -17.46 7.08 22.98
N LEU A 151 -16.72 6.62 21.97
CA LEU A 151 -16.01 5.36 22.11
C LEU A 151 -14.85 5.48 23.11
N LEU A 152 -14.18 6.63 23.13
CA LEU A 152 -13.05 6.80 24.03
C LEU A 152 -13.50 6.85 25.49
N VAL A 153 -14.56 7.60 25.79
CA VAL A 153 -15.01 7.71 27.16
C VAL A 153 -15.55 6.37 27.66
N ALA A 154 -16.19 5.61 26.79
CA ALA A 154 -16.65 4.27 27.15
C ALA A 154 -15.47 3.37 27.49
N ALA A 155 -14.39 3.48 26.72
CA ALA A 155 -13.18 2.70 27.00
C ALA A 155 -12.59 3.08 28.36
N PHE A 156 -12.59 4.38 28.68
CA PHE A 156 -12.03 4.83 29.95
C PHE A 156 -12.82 4.27 31.13
N PHE A 157 -14.16 4.25 31.02
CA PHE A 157 -14.98 3.72 32.10
C PHE A 157 -14.72 2.24 32.32
N PHE A 158 -14.60 1.47 31.24
CA PHE A 158 -14.31 0.04 31.39
C PHE A 158 -12.90 -0.19 31.91
N LEU A 159 -11.96 0.69 31.56
CA LEU A 159 -10.60 0.57 32.08
C LEU A 159 -10.58 0.78 33.59
N VAL A 160 -11.33 1.77 34.08
CA VAL A 160 -11.39 2.02 35.51
C VAL A 160 -12.06 0.85 36.23
N LEU A 161 -13.14 0.33 35.67
CA LEU A 161 -13.83 -0.79 36.29
C LEU A 161 -12.96 -2.04 36.33
N ALA A 162 -12.14 -2.26 35.30
CA ALA A 162 -11.24 -3.41 35.30
C ALA A 162 -10.18 -3.29 36.37
N VAL A 163 -9.59 -2.10 36.52
CA VAL A 163 -8.56 -1.91 37.54
C VAL A 163 -9.19 -1.78 38.92
N LEU A 164 -10.47 -1.40 38.99
CA LEU A 164 -11.15 -1.35 40.28
C LEU A 164 -11.32 -2.74 40.88
N GLY A 165 -11.56 -3.74 40.04
CA GLY A 165 -11.63 -5.11 40.50
C GLY A 165 -10.29 -5.66 40.96
N GLU A 166 -9.23 -5.36 40.21
CA GLU A 166 -7.94 -5.98 40.44
C GLU A 166 -7.30 -5.60 41.77
N THR A 167 -7.81 -4.56 42.44
CA THR A 167 -7.34 -4.27 43.79
C THR A 167 -8.14 -5.01 44.85
N LEU A 168 -9.15 -5.78 44.45
CA LEU A 168 -9.99 -6.52 45.38
C LEU A 168 -9.68 -8.02 45.36
N ILE A 169 -9.34 -8.58 44.20
CA ILE A 169 -9.03 -10.02 44.12
C ILE A 169 -7.88 -10.43 45.02
N PRO A 170 -6.74 -9.72 45.07
CA PRO A 170 -5.62 -10.21 45.88
C PRO A 170 -5.93 -10.36 47.35
N HIS A 171 -6.94 -9.68 47.88
CA HIS A 171 -7.36 -9.92 49.26
C HIS A 171 -7.90 -11.33 49.43
N TYR A 172 -8.80 -11.75 48.52
CA TYR A 172 -9.43 -13.06 48.67
C TYR A 172 -8.46 -14.19 48.36
N SER A 173 -7.57 -13.99 47.37
CA SER A 173 -6.56 -14.99 47.08
C SER A 173 -5.60 -15.15 48.26
N GLY A 174 -5.23 -14.04 48.90
CA GLY A 174 -4.42 -14.12 50.10
C GLY A 174 -5.13 -14.80 51.25
N ARG A 175 -6.44 -14.55 51.38
CA ARG A 175 -7.21 -15.19 52.44
C ARG A 175 -7.28 -16.70 52.22
N VAL A 176 -7.38 -17.14 50.96
CA VAL A 176 -7.39 -18.56 50.66
C VAL A 176 -6.07 -19.21 51.08
N ILE A 177 -4.96 -18.52 50.85
CA ILE A 177 -3.65 -19.04 51.25
C ILE A 177 -3.59 -19.20 52.76
N ASP A 178 -4.08 -18.19 53.50
CA ASP A 178 -4.05 -18.26 54.96
C ASP A 178 -4.91 -19.42 55.47
N ILE A 179 -6.10 -19.60 54.90
CA ILE A 179 -6.98 -20.68 55.34
C ILE A 179 -6.36 -22.04 55.02
N LEU A 180 -5.81 -22.19 53.81
CA LEU A 180 -5.25 -23.48 53.41
C LEU A 180 -4.04 -23.86 54.26
N GLY A 181 -3.19 -22.90 54.58
CA GLY A 181 -2.00 -23.19 55.36
C GLY A 181 -2.23 -23.16 56.86
N GLY A 182 -3.22 -22.38 57.29
CA GLY A 182 -3.51 -22.26 58.71
C GLY A 182 -4.63 -23.17 59.17
N ASP A 183 -5.53 -22.64 59.99
CA ASP A 183 -6.66 -23.41 60.50
C ASP A 183 -7.68 -23.59 59.38
N PHE A 184 -7.73 -24.79 58.82
CA PHE A 184 -8.61 -25.05 57.69
C PHE A 184 -10.07 -25.05 58.13
N ASP A 185 -10.93 -24.48 57.28
CA ASP A 185 -12.36 -24.44 57.53
C ASP A 185 -13.08 -24.53 56.19
N PRO A 186 -13.82 -25.62 55.94
CA PRO A 186 -14.45 -25.79 54.62
C PRO A 186 -15.40 -24.68 54.24
N HIS A 187 -16.16 -24.13 55.19
CA HIS A 187 -17.13 -23.09 54.85
C HIS A 187 -16.44 -21.77 54.51
N ALA A 188 -15.44 -21.38 55.30
CA ALA A 188 -14.69 -20.16 55.00
C ALA A 188 -13.91 -20.30 53.70
N PHE A 189 -13.34 -21.49 53.45
CA PHE A 189 -12.61 -21.73 52.22
C PHE A 189 -13.53 -21.62 51.00
N ALA A 190 -14.72 -22.23 51.08
CA ALA A 190 -15.66 -22.16 49.97
C ALA A 190 -16.15 -20.73 49.73
N SER A 191 -16.40 -19.98 50.81
CA SER A 191 -16.85 -18.60 50.65
C SER A 191 -15.76 -17.73 50.04
N ALA A 192 -14.50 -17.96 50.43
CA ALA A 192 -13.41 -17.13 49.93
C ALA A 192 -13.21 -17.32 48.43
N ILE A 193 -13.20 -18.58 47.96
CA ILE A 193 -13.00 -18.82 46.53
C ILE A 193 -14.21 -18.37 45.73
N PHE A 194 -15.39 -18.31 46.35
CA PHE A 194 -16.57 -17.84 45.64
C PHE A 194 -16.46 -16.36 45.30
N PHE A 195 -16.07 -15.54 46.28
CA PHE A 195 -15.92 -14.11 46.02
C PHE A 195 -14.76 -13.83 45.08
N MET A 196 -13.72 -14.68 45.12
CA MET A 196 -12.61 -14.53 44.19
C MET A 196 -13.06 -14.73 42.75
N CYS A 197 -13.97 -15.69 42.51
CA CYS A 197 -14.43 -15.96 41.16
C CYS A 197 -15.21 -14.78 40.60
N LEU A 198 -16.17 -14.26 41.37
CA LEU A 198 -17.08 -13.25 40.84
C LEU A 198 -16.38 -11.92 40.63
N PHE A 199 -15.44 -11.54 41.51
CA PHE A 199 -14.65 -10.34 41.27
C PHE A 199 -13.76 -10.52 40.04
N SER A 200 -13.17 -11.70 39.88
CA SER A 200 -12.39 -11.97 38.68
C SER A 200 -13.28 -11.98 37.44
N PHE A 201 -14.50 -12.49 37.56
CA PHE A 201 -15.43 -12.47 36.43
C PHE A 201 -15.77 -11.06 36.00
N GLY A 202 -15.99 -10.16 36.97
CA GLY A 202 -16.31 -8.79 36.63
C GLY A 202 -15.15 -8.07 35.94
N SER A 203 -13.94 -8.25 36.46
CA SER A 203 -12.77 -7.61 35.85
C SER A 203 -12.50 -8.15 34.45
N SER A 204 -12.61 -9.47 34.27
CA SER A 204 -12.39 -10.07 32.97
C SER A 204 -13.43 -9.59 31.96
N LEU A 205 -14.69 -9.51 32.39
CA LEU A 205 -15.74 -9.00 31.52
C LEU A 205 -15.49 -7.55 31.14
N SER A 206 -15.11 -6.73 32.12
CA SER A 206 -14.86 -5.32 31.86
C SER A 206 -13.64 -5.12 30.96
N ALA A 207 -12.59 -5.91 31.17
CA ALA A 207 -11.38 -5.76 30.37
C ALA A 207 -11.60 -6.19 28.93
N GLY A 208 -12.45 -7.20 28.72
CA GLY A 208 -12.69 -7.68 27.36
C GLY A 208 -13.34 -6.64 26.47
N CYS A 209 -14.36 -5.94 26.98
CA CYS A 209 -15.01 -4.91 26.20
C CYS A 209 -14.32 -3.57 25.98
N ARG A 210 -13.37 -3.20 26.84
CA ARG A 210 -12.55 -2.02 26.55
C ARG A 210 -11.46 -2.23 25.48
N GLY A 211 -11.02 -3.48 25.37
CA GLY A 211 -10.09 -3.84 24.30
C GLY A 211 -10.88 -3.76 23.01
N GLY A 212 -12.12 -4.25 23.03
CA GLY A 212 -12.96 -4.26 21.85
C GLY A 212 -13.26 -2.88 21.30
N CYS A 213 -13.64 -1.95 22.18
CA CYS A 213 -13.96 -0.59 21.74
C CYS A 213 -12.72 0.22 21.37
N PHE A 214 -11.58 -0.04 22.01
CA PHE A 214 -10.34 0.60 21.58
C PHE A 214 -9.95 0.15 20.18
N THR A 215 -10.10 -1.14 19.89
CA THR A 215 -9.77 -1.65 18.56
C THR A 215 -10.73 -1.10 17.51
N TYR A 216 -12.03 -1.02 17.84
CA TYR A 216 -12.99 -0.53 16.86
C TYR A 216 -12.75 0.95 16.54
N THR A 217 -12.52 1.77 17.57
CA THR A 217 -12.29 3.19 17.33
C THR A 217 -10.98 3.44 16.61
N MET A 218 -10.06 2.47 16.60
CA MET A 218 -8.87 2.58 15.77
C MET A 218 -9.23 2.52 14.29
N SER A 219 -10.11 1.60 13.92
CA SER A 219 -10.49 1.45 12.52
C SER A 219 -11.33 2.62 12.02
N ARG A 220 -12.18 3.18 12.88
CA ARG A 220 -12.97 4.34 12.49
C ARG A 220 -12.08 5.53 12.18
N ILE A 221 -11.02 5.72 12.96
CA ILE A 221 -10.06 6.79 12.66
C ILE A 221 -9.34 6.49 11.35
N ASN A 222 -8.96 5.22 11.14
CA ASN A 222 -8.21 4.86 9.94
C ASN A 222 -9.01 5.09 8.67
N LEU A 223 -10.28 4.64 8.67
CA LEU A 223 -11.08 4.76 7.45
C LEU A 223 -11.47 6.21 7.17
N ARG A 224 -11.78 6.99 8.21
CA ARG A 224 -12.07 8.40 8.01
C ARG A 224 -10.85 9.14 7.47
N ILE A 225 -9.66 8.77 7.96
CA ILE A 225 -8.44 9.41 7.49
C ILE A 225 -8.21 9.08 6.02
N ARG A 226 -8.40 7.82 5.65
CA ARG A 226 -8.17 7.38 4.27
C ARG A 226 -9.14 8.05 3.31
N GLU A 227 -10.41 8.15 3.70
CA GLU A 227 -11.42 8.74 2.82
C GLU A 227 -11.18 10.23 2.60
N GLN A 228 -10.82 10.94 3.67
CA GLN A 228 -10.63 12.38 3.56
C GLN A 228 -9.38 12.73 2.75
N LEU A 229 -8.33 11.91 2.85
CA LEU A 229 -7.10 12.18 2.10
C LEU A 229 -7.33 12.01 0.60
N PHE A 230 -7.97 10.90 0.21
CA PHE A 230 -8.22 10.65 -1.21
C PHE A 230 -9.13 11.72 -1.81
N SER A 231 -10.15 12.13 -1.07
CA SER A 231 -11.07 13.15 -1.58
C SER A 231 -10.36 14.47 -1.77
N SER A 232 -9.32 14.75 -0.99
CA SER A 232 -8.57 15.99 -1.15
C SER A 232 -7.63 15.95 -2.35
N LEU A 233 -7.09 14.78 -2.69
CA LEU A 233 -6.18 14.69 -3.82
C LEU A 233 -6.90 14.99 -5.13
N LEU A 234 -8.15 14.52 -5.27
CA LEU A 234 -8.90 14.76 -6.49
C LEU A 234 -9.17 16.24 -6.72
N ARG A 235 -9.15 17.05 -5.66
CA ARG A 235 -9.42 18.48 -5.75
C ARG A 235 -8.21 19.29 -6.19
N GLN A 236 -7.03 18.67 -6.27
CA GLN A 236 -5.81 19.40 -6.57
C GLN A 236 -5.73 19.76 -8.05
N ASP A 237 -4.93 20.78 -8.34
CA ASP A 237 -4.72 21.19 -9.72
C ASP A 237 -3.86 20.17 -10.46
N LEU A 238 -3.86 20.25 -11.79
CA LEU A 238 -3.12 19.30 -12.60
C LEU A 238 -1.61 19.48 -12.51
N GLY A 239 -1.14 20.61 -12.00
CA GLY A 239 0.29 20.77 -11.79
C GLY A 239 0.80 19.95 -10.61
N PHE A 240 -0.10 19.59 -9.70
CA PHE A 240 0.28 18.79 -8.54
C PHE A 240 0.76 17.40 -8.96
N PHE A 241 0.15 16.83 -10.00
CA PHE A 241 0.44 15.46 -10.40
C PHE A 241 1.64 15.34 -11.32
N GLN A 242 2.25 16.45 -11.71
CA GLN A 242 3.55 16.40 -12.39
C GLN A 242 4.69 16.41 -11.39
N GLU A 243 4.48 17.01 -10.22
CA GLU A 243 5.51 17.09 -9.19
C GLU A 243 5.62 15.81 -8.38
N THR A 244 4.66 14.89 -8.48
CA THR A 244 4.63 13.70 -7.66
C THR A 244 4.46 12.48 -8.54
N LYS A 245 4.80 11.31 -7.99
CA LYS A 245 4.65 10.03 -8.66
C LYS A 245 3.45 9.30 -8.10
N THR A 246 2.69 8.64 -8.98
CA THR A 246 1.47 7.98 -8.56
C THR A 246 1.74 6.84 -7.59
N GLY A 247 2.82 6.09 -7.80
CA GLY A 247 3.15 5.01 -6.89
C GLY A 247 3.53 5.47 -5.50
N GLU A 248 4.08 6.68 -5.38
CA GLU A 248 4.38 7.23 -4.06
C GLU A 248 3.11 7.68 -3.36
N LEU A 249 2.17 8.28 -4.09
CA LEU A 249 0.92 8.71 -3.49
C LEU A 249 0.12 7.52 -2.98
N ASN A 250 0.06 6.45 -3.78
CA ASN A 250 -0.68 5.26 -3.36
C ASN A 250 -0.03 4.62 -2.14
N SER A 251 1.30 4.53 -2.12
CA SER A 251 1.99 3.97 -0.97
C SER A 251 1.78 4.85 0.26
N ARG A 252 1.86 6.17 0.08
CA ARG A 252 1.64 7.08 1.20
C ARG A 252 0.21 6.98 1.72
N LEU A 253 -0.76 6.83 0.82
CA LEU A 253 -2.14 6.67 1.23
C LEU A 253 -2.36 5.34 1.96
N SER A 254 -1.66 4.29 1.55
CA SER A 254 -1.89 2.97 2.11
C SER A 254 -1.06 2.70 3.36
N SER A 255 0.10 3.34 3.51
CA SER A 255 1.02 3.04 4.58
C SER A 255 1.06 4.09 5.68
N ASP A 256 1.18 5.37 5.32
CA ASP A 256 1.28 6.42 6.33
C ASP A 256 0.00 6.52 7.17
N THR A 257 -1.15 6.16 6.61
CA THR A 257 -2.39 6.22 7.37
C THR A 257 -2.45 5.18 8.48
N THR A 258 -1.84 4.01 8.27
CA THR A 258 -1.81 3.01 9.34
C THR A 258 -0.87 3.42 10.47
N LEU A 259 0.25 4.06 10.12
CA LEU A 259 1.18 4.52 11.15
C LEU A 259 0.54 5.57 12.04
N MET A 260 -0.41 6.35 11.50
CA MET A 260 -1.03 7.42 12.23
C MET A 260 -2.22 6.97 13.08
N SER A 261 -2.60 5.70 13.01
CA SER A 261 -3.79 5.24 13.72
C SER A 261 -3.53 4.00 14.56
N ASN A 262 -2.56 3.17 14.16
CA ASN A 262 -2.34 1.88 14.80
C ASN A 262 -1.83 2.00 16.23
N TRP A 263 -1.40 3.18 16.67
CA TRP A 263 -0.90 3.32 18.03
C TRP A 263 -2.02 3.38 19.06
N LEU A 264 -3.27 3.57 18.63
CA LEU A 264 -4.36 3.82 19.57
C LEU A 264 -4.61 2.66 20.53
N PRO A 265 -4.77 1.41 20.08
CA PRO A 265 -5.09 0.33 21.05
C PRO A 265 -3.94 -0.03 21.98
N LEU A 266 -2.71 0.38 21.67
CA LEU A 266 -1.57 0.05 22.51
C LEU A 266 -1.18 1.21 23.43
N ASN A 267 -0.96 2.40 22.85
CA ASN A 267 -0.51 3.53 23.64
C ASN A 267 -1.56 4.01 24.63
N ALA A 268 -2.82 4.08 24.18
CA ALA A 268 -3.87 4.59 25.07
C ALA A 268 -4.10 3.68 26.27
N ASN A 269 -4.02 2.37 26.06
CA ASN A 269 -4.21 1.44 27.19
C ASN A 269 -3.09 1.60 28.22
N VAL A 270 -1.85 1.68 27.76
CA VAL A 270 -0.71 1.78 28.68
C VAL A 270 -0.69 3.15 29.35
N LEU A 271 -0.94 4.21 28.57
CA LEU A 271 -0.87 5.56 29.13
C LEU A 271 -1.92 5.78 30.21
N LEU A 272 -3.14 5.30 29.98
CA LEU A 272 -4.20 5.52 30.97
C LEU A 272 -4.03 4.62 32.18
N ARG A 273 -3.64 3.36 31.98
CA ARG A 273 -3.44 2.45 33.10
C ARG A 273 -2.32 2.92 34.00
N SER A 274 -1.21 3.38 33.40
CA SER A 274 -0.10 3.88 34.19
C SER A 274 -0.49 5.14 34.95
N LEU A 275 -1.28 6.01 34.31
CA LEU A 275 -1.69 7.25 34.96
C LEU A 275 -2.54 6.97 36.20
N VAL A 276 -3.44 5.99 36.11
CA VAL A 276 -4.28 5.64 37.26
C VAL A 276 -3.43 5.09 38.39
N LYS A 277 -2.48 4.21 38.06
CA LYS A 277 -1.67 3.57 39.10
C LYS A 277 -0.67 4.55 39.72
N VAL A 278 -0.24 5.56 38.97
CA VAL A 278 0.65 6.57 39.53
C VAL A 278 -0.04 7.32 40.66
N VAL A 279 -1.30 7.72 40.43
CA VAL A 279 -2.06 8.40 41.47
C VAL A 279 -2.31 7.48 42.66
N GLY A 280 -2.64 6.21 42.39
CA GLY A 280 -2.91 5.29 43.49
C GLY A 280 -1.69 5.03 44.35
N LEU A 281 -0.54 4.82 43.72
CA LEU A 281 0.67 4.53 44.49
C LEU A 281 1.14 5.74 45.27
N TYR A 282 0.98 6.95 44.71
CA TYR A 282 1.36 8.15 45.45
C TYR A 282 0.52 8.33 46.70
N GLY A 283 -0.69 7.78 46.72
CA GLY A 283 -1.53 7.90 47.91
C GLY A 283 -0.94 7.19 49.11
N PHE A 284 -0.40 5.99 48.89
CA PHE A 284 0.22 5.24 49.99
C PHE A 284 1.45 5.96 50.52
N MET A 285 2.27 6.50 49.61
CA MET A 285 3.50 7.17 50.03
C MET A 285 3.21 8.47 50.79
N LEU A 286 2.01 9.05 50.60
CA LEU A 286 1.69 10.29 51.29
C LEU A 286 1.60 10.13 52.80
N SER A 287 1.39 8.91 53.29
CA SER A 287 1.42 8.66 54.73
C SER A 287 2.81 8.74 55.31
N ILE A 288 3.85 8.82 54.46
CA ILE A 288 5.23 8.97 54.88
C ILE A 288 5.72 10.29 54.29
N SER A 289 4.82 11.28 54.30
CA SER A 289 4.98 12.52 53.53
C SER A 289 6.40 13.09 53.46
N PRO A 290 7.19 13.19 54.54
CA PRO A 290 8.49 13.85 54.42
C PRO A 290 9.38 13.25 53.34
N ARG A 291 9.35 11.94 53.15
CA ARG A 291 10.15 11.33 52.08
C ARG A 291 9.53 11.55 50.71
N LEU A 292 8.23 11.85 50.65
CA LEU A 292 7.58 12.06 49.36
C LEU A 292 8.10 13.30 48.63
N THR A 293 8.42 14.37 49.36
CA THR A 293 8.85 15.60 48.70
C THR A 293 10.19 15.46 47.99
N LEU A 294 10.96 14.41 48.27
CA LEU A 294 12.15 14.14 47.47
C LEU A 294 11.83 13.27 46.25
N LEU A 295 10.69 12.58 46.24
CA LEU A 295 10.30 11.82 45.05
C LEU A 295 10.14 12.71 43.83
N SER A 296 9.39 13.80 43.99
CA SER A 296 9.08 14.71 42.89
C SER A 296 10.24 15.63 42.52
N LEU A 297 11.34 15.60 43.26
CA LEU A 297 12.48 16.47 43.00
C LEU A 297 13.61 15.79 42.25
N LEU A 298 13.79 14.48 42.44
CA LEU A 298 14.98 13.80 41.93
C LEU A 298 14.80 13.31 40.50
N HIS A 299 13.88 12.37 40.27
CA HIS A 299 13.79 11.72 38.98
C HIS A 299 13.08 12.57 37.95
N MET A 300 12.18 13.46 38.39
CA MET A 300 11.39 14.22 37.43
C MET A 300 12.24 15.13 36.54
N PRO A 301 13.17 15.94 37.04
CA PRO A 301 13.95 16.79 36.13
C PRO A 301 14.86 16.00 35.19
N PHE A 302 15.32 14.81 35.60
CA PHE A 302 16.27 14.07 34.78
C PHE A 302 15.63 13.60 33.47
N THR A 303 14.46 12.97 33.55
CA THR A 303 13.87 12.37 32.36
C THR A 303 13.31 13.43 31.42
N ILE A 304 12.72 14.49 31.96
CA ILE A 304 12.08 15.49 31.12
C ILE A 304 13.08 16.19 30.22
N ALA A 305 14.28 16.46 30.73
CA ALA A 305 15.28 17.16 29.93
C ALA A 305 15.93 16.25 28.91
N ALA A 306 16.30 15.03 29.32
CA ALA A 306 17.00 14.13 28.43
C ALA A 306 16.11 13.52 27.35
N GLU A 307 14.79 13.60 27.52
CA GLU A 307 13.88 12.99 26.56
C GLU A 307 13.88 13.71 25.22
N LYS A 308 14.16 15.02 25.22
CA LYS A 308 14.04 15.81 24.01
C LYS A 308 15.09 15.39 22.99
N VAL A 309 16.24 14.90 23.45
CA VAL A 309 17.27 14.45 22.53
C VAL A 309 16.79 13.23 21.73
N TYR A 310 16.16 12.28 22.41
CA TYR A 310 15.67 11.08 21.73
C TYR A 310 14.46 11.40 20.87
N ASN A 311 13.56 12.25 21.37
CA ASN A 311 12.34 12.57 20.63
C ASN A 311 12.66 13.27 19.31
N THR A 312 13.63 14.17 19.32
CA THR A 312 13.99 14.89 18.10
C THR A 312 14.53 13.93 17.04
N ARG A 313 15.36 12.98 17.44
CA ARG A 313 16.00 12.08 16.49
C ARG A 313 15.13 10.87 16.14
N HIS A 314 14.27 10.42 17.06
CA HIS A 314 13.38 9.31 16.73
C HIS A 314 12.36 9.73 15.68
N GLN A 315 11.87 10.96 15.75
CA GLN A 315 10.92 11.44 14.75
C GLN A 315 11.58 11.53 13.38
N GLU A 316 12.86 11.93 13.33
CA GLU A 316 13.54 12.10 12.06
C GLU A 316 13.67 10.78 11.30
N VAL A 317 14.05 9.71 12.00
CA VAL A 317 14.26 8.43 11.33
C VAL A 317 12.94 7.85 10.85
N LEU A 318 11.84 8.15 11.56
CA LEU A 318 10.53 7.67 11.11
C LEU A 318 10.12 8.31 9.79
N ARG A 319 10.40 9.60 9.63
CA ARG A 319 10.11 10.27 8.36
C ARG A 319 10.96 9.70 7.23
N GLU A 320 12.23 9.40 7.52
CA GLU A 320 13.10 8.82 6.50
C GLU A 320 12.62 7.43 6.09
N ILE A 321 12.13 6.64 7.04
CA ILE A 321 11.64 5.31 6.73
C ILE A 321 10.44 5.39 5.80
N GLN A 322 9.50 6.28 6.10
CA GLN A 322 8.29 6.40 5.27
C GLN A 322 8.63 6.87 3.86
N ASP A 323 9.57 7.80 3.72
CA ASP A 323 9.98 8.24 2.40
C ASP A 323 10.68 7.12 1.63
N ALA A 324 11.52 6.34 2.33
CA ALA A 324 12.25 5.27 1.66
C ALA A 324 11.31 4.16 1.18
N VAL A 325 10.33 3.79 2.02
CA VAL A 325 9.40 2.74 1.60
C VAL A 325 8.49 3.24 0.49
N ALA A 326 8.12 4.51 0.48
CA ALA A 326 7.38 5.07 -0.64
C ALA A 326 8.22 5.09 -1.90
N ARG A 327 9.51 5.41 -1.77
CA ARG A 327 10.42 5.39 -2.91
C ARG A 327 10.57 3.98 -3.47
N ALA A 328 10.57 2.97 -2.61
CA ALA A 328 10.63 1.60 -3.08
C ALA A 328 9.33 1.18 -3.72
N GLY A 329 8.21 1.75 -3.27
CA GLY A 329 6.92 1.43 -3.86
C GLY A 329 6.81 1.83 -5.32
N GLN A 330 7.44 2.94 -5.70
CA GLN A 330 7.42 3.38 -7.09
C GLN A 330 8.07 2.37 -8.02
N VAL A 331 9.05 1.61 -7.53
CA VAL A 331 9.69 0.60 -8.37
C VAL A 331 8.69 -0.47 -8.79
N VAL A 332 7.86 -0.92 -7.85
CA VAL A 332 6.85 -1.92 -8.16
C VAL A 332 5.79 -1.34 -9.10
N ARG A 333 5.44 -0.06 -8.90
CA ARG A 333 4.46 0.59 -9.76
C ARG A 333 4.93 0.61 -11.21
N GLU A 334 6.19 0.98 -11.44
CA GLU A 334 6.72 1.05 -12.80
C GLU A 334 6.87 -0.34 -13.40
N ALA A 335 7.41 -1.29 -12.64
CA ALA A 335 7.69 -2.61 -13.18
C ALA A 335 6.41 -3.35 -13.55
N VAL A 336 5.38 -3.25 -12.71
CA VAL A 336 4.14 -3.99 -12.97
C VAL A 336 3.26 -3.25 -13.96
N GLY A 337 3.20 -1.91 -13.86
CA GLY A 337 2.37 -1.14 -14.76
C GLY A 337 2.80 -1.23 -16.21
N GLY A 338 4.10 -1.22 -16.47
CA GLY A 338 4.62 -1.30 -17.82
C GLY A 338 5.35 -2.60 -18.08
N LEU A 339 4.78 -3.72 -17.63
CA LEU A 339 5.47 -5.00 -17.71
C LEU A 339 5.72 -5.41 -19.16
N GLN A 340 4.74 -5.23 -20.03
CA GLN A 340 4.90 -5.68 -21.41
C GLN A 340 6.05 -4.98 -22.12
N THR A 341 6.38 -3.75 -21.72
CA THR A 341 7.59 -3.12 -22.21
C THR A 341 8.82 -3.71 -21.54
N VAL A 342 8.74 -3.97 -20.24
CA VAL A 342 9.86 -4.58 -19.51
C VAL A 342 10.16 -5.97 -20.06
N ARG A 343 9.11 -6.77 -20.27
CA ARG A 343 9.31 -8.12 -20.79
C ARG A 343 9.75 -8.10 -22.24
N SER A 344 9.46 -7.03 -22.98
CA SER A 344 9.88 -6.94 -24.37
C SER A 344 11.39 -6.86 -24.49
N PHE A 345 12.07 -6.29 -23.49
CA PHE A 345 13.50 -6.14 -23.50
C PHE A 345 14.21 -7.10 -22.57
N GLY A 346 13.47 -8.02 -21.94
CA GLY A 346 14.08 -8.97 -21.02
C GLY A 346 14.73 -8.34 -19.81
N ALA A 347 14.17 -7.26 -19.29
CA ALA A 347 14.76 -6.53 -18.18
C ALA A 347 14.10 -6.83 -16.84
N GLU A 348 13.47 -8.01 -16.69
CA GLU A 348 12.85 -8.34 -15.41
C GLU A 348 13.87 -8.44 -14.30
N GLU A 349 15.01 -9.08 -14.57
CA GLU A 349 16.03 -9.23 -13.55
C GLU A 349 16.69 -7.89 -13.19
N HIS A 350 16.71 -6.94 -14.12
CA HIS A 350 17.21 -5.60 -13.78
C HIS A 350 16.27 -4.90 -12.80
N GLU A 351 14.96 -5.04 -12.99
CA GLU A 351 14.02 -4.42 -12.08
C GLU A 351 14.08 -5.03 -10.69
N VAL A 352 14.29 -6.35 -10.61
CA VAL A 352 14.42 -7.01 -9.31
C VAL A 352 15.65 -6.48 -8.58
N CYS A 353 16.75 -6.29 -9.29
CA CYS A 353 17.96 -5.74 -8.67
C CYS A 353 17.72 -4.31 -8.18
N ARG A 354 16.96 -3.52 -8.95
CA ARG A 354 16.64 -2.16 -8.51
C ARG A 354 15.79 -2.18 -7.25
N TYR A 355 14.82 -3.08 -7.18
CA TYR A 355 13.97 -3.16 -5.99
C TYR A 355 14.77 -3.60 -4.78
N LYS A 356 15.66 -4.59 -4.95
CA LYS A 356 16.45 -5.07 -3.82
C LYS A 356 17.41 -4.00 -3.32
N GLU A 357 17.87 -3.12 -4.20
CA GLU A 357 18.66 -1.98 -3.75
C GLU A 357 17.83 -1.03 -2.91
N ALA A 358 16.56 -0.83 -3.28
CA ALA A 358 15.68 0.02 -2.48
C ALA A 358 15.33 -0.62 -1.15
N LEU A 359 15.18 -1.95 -1.13
CA LEU A 359 14.91 -2.64 0.14
C LEU A 359 16.09 -2.55 1.08
N GLU A 360 17.32 -2.60 0.55
CA GLU A 360 18.50 -2.49 1.39
C GLU A 360 18.55 -1.13 2.07
N GLN A 361 18.18 -0.07 1.36
CA GLN A 361 18.16 1.26 1.96
C GLN A 361 17.12 1.35 3.06
N CYS A 362 16.04 0.58 2.97
CA CYS A 362 15.05 0.55 4.04
C CYS A 362 15.53 -0.29 5.22
N ARG A 363 16.28 -1.36 4.95
CA ARG A 363 16.77 -2.22 6.02
C ARG A 363 17.73 -1.47 6.94
N GLN A 364 18.59 -0.62 6.36
CA GLN A 364 19.53 0.15 7.17
C GLN A 364 18.81 1.20 8.01
N LEU A 365 17.66 1.68 7.56
CA LEU A 365 16.89 2.63 8.34
C LEU A 365 16.15 1.95 9.48
N TYR A 366 15.68 0.72 9.27
CA TYR A 366 15.08 -0.05 10.35
C TYR A 366 16.10 -0.31 11.46
N TRP A 367 17.32 -0.68 11.08
CA TRP A 367 18.35 -0.98 12.07
C TRP A 367 18.68 0.26 12.91
N ARG A 368 18.81 1.42 12.27
CA ARG A 368 19.12 2.64 13.02
C ARG A 368 18.00 2.99 13.98
N ARG A 369 16.75 2.82 13.57
CA ARG A 369 15.63 3.09 14.46
C ARG A 369 15.64 2.15 15.66
N ASP A 370 15.88 0.87 15.42
CA ASP A 370 15.83 -0.12 16.50
C ASP A 370 17.08 -0.07 17.39
N LEU A 371 18.25 0.14 16.81
CA LEU A 371 19.48 0.15 17.61
C LEU A 371 19.48 1.34 18.57
N GLU A 372 19.05 2.51 18.10
CA GLU A 372 19.06 3.68 18.96
C GLU A 372 17.99 3.64 20.05
N ARG A 373 16.88 2.96 19.78
CA ARG A 373 15.86 2.79 20.81
C ARG A 373 16.32 1.83 21.90
N ALA A 374 17.00 0.74 21.51
CA ALA A 374 17.51 -0.21 22.49
C ALA A 374 18.56 0.46 23.36
N LEU A 375 19.43 1.27 22.75
CA LEU A 375 20.43 2.01 23.51
C LEU A 375 19.77 3.00 24.47
N TYR A 376 18.71 3.67 24.01
CA TYR A 376 18.00 4.61 24.86
C TYR A 376 17.33 3.89 26.03
N LEU A 377 16.78 2.70 25.77
CA LEU A 377 16.16 1.92 26.85
C LEU A 377 17.19 1.51 27.90
N LEU A 378 18.41 1.17 27.46
CA LEU A 378 19.46 0.76 28.39
C LEU A 378 19.83 1.89 29.32
N VAL A 379 19.87 3.12 28.80
CA VAL A 379 20.29 4.26 29.62
C VAL A 379 19.33 4.51 30.77
N ARG A 380 18.03 4.49 30.46
CA ARG A 380 17.00 4.72 31.52
C ARG A 380 17.09 3.81 32.75
N ARG A 381 17.12 2.49 32.53
CA ARG A 381 17.19 1.59 33.67
C ARG A 381 18.46 1.74 34.54
N VAL A 382 19.53 2.19 33.90
CA VAL A 382 20.75 2.52 34.63
C VAL A 382 20.39 3.78 35.40
N LEU A 383 19.75 4.74 34.74
CA LEU A 383 19.36 5.99 35.41
C LEU A 383 18.33 5.72 36.51
N HIS A 384 17.41 4.79 36.27
CA HIS A 384 16.44 4.42 37.29
C HIS A 384 17.13 3.82 38.50
N LEU A 385 18.12 2.96 38.27
CA LEU A 385 18.85 2.34 39.37
C LEU A 385 19.65 3.38 40.16
N GLY A 386 20.20 4.37 39.46
CA GLY A 386 20.97 5.40 40.14
C GLY A 386 20.13 6.21 41.11
N VAL A 387 18.91 6.58 40.72
CA VAL A 387 18.02 7.27 41.63
C VAL A 387 17.64 6.36 42.80
N GLN A 388 17.56 5.05 42.55
CA GLN A 388 17.19 4.10 43.60
C GLN A 388 18.22 4.08 44.72
N MET A 389 19.52 4.04 44.37
CA MET A 389 20.55 4.00 45.39
C MET A 389 20.56 5.38 46.04
N LEU A 390 20.37 6.43 45.24
CA LEU A 390 20.39 7.77 45.83
C LEU A 390 19.35 8.03 46.95
N MET A 391 18.11 7.63 46.68
CA MET A 391 17.11 7.57 47.76
C MET A 391 17.29 6.64 48.96
N LEU A 392 17.87 5.46 48.71
CA LEU A 392 18.09 4.52 49.80
C LEU A 392 19.12 5.13 50.72
N SER A 393 20.14 5.79 50.16
CA SER A 393 21.12 6.49 50.97
C SER A 393 20.47 7.64 51.74
N CYS A 394 19.65 8.43 51.06
CA CYS A 394 18.93 9.50 51.74
C CYS A 394 17.87 8.93 52.67
N GLY A 395 17.32 7.76 52.32
CA GLY A 395 16.39 7.09 53.22
C GLY A 395 17.03 6.73 54.55
N LEU A 396 18.28 6.30 54.51
CA LEU A 396 18.98 5.95 55.74
C LEU A 396 19.61 7.17 56.41
N GLN A 397 19.73 8.29 55.68
CA GLN A 397 20.30 9.49 56.28
C GLN A 397 19.34 10.13 57.27
N GLN A 398 18.06 10.23 56.90
CA GLN A 398 17.05 10.72 57.82
C GLN A 398 16.77 9.74 58.95
N MET A 399 17.25 8.51 58.81
CA MET A 399 17.11 7.51 59.88
C MET A 399 17.83 7.94 61.15
N GLN A 400 19.02 8.54 61.01
CA GLN A 400 19.78 8.99 62.17
C GLN A 400 19.06 10.13 62.88
N ASP A 401 18.32 10.94 62.13
CA ASP A 401 17.52 12.03 62.70
C ASP A 401 16.17 11.49 63.17
N GLY A 402 16.22 10.66 64.19
CA GLY A 402 15.01 10.08 64.75
C GLY A 402 14.77 8.64 64.33
N LEU A 404 8.80 6.52 60.95
CA LEU A 404 10.06 6.69 60.25
C LEU A 404 10.94 5.44 60.43
N THR A 405 10.46 4.52 61.26
CA THR A 405 11.21 3.32 61.59
C THR A 405 11.44 2.45 60.35
N GLN A 406 12.30 1.43 60.52
CA GLN A 406 12.67 0.59 59.38
C GLN A 406 11.48 -0.14 58.80
N GLY A 407 10.43 -0.37 59.61
CA GLY A 407 9.22 -0.94 59.07
C GLY A 407 8.57 -0.05 58.02
N SER A 408 8.65 1.26 58.19
CA SER A 408 8.12 2.18 57.19
C SER A 408 9.03 2.22 55.96
N LEU A 409 10.35 2.31 56.18
CA LEU A 409 11.27 2.46 55.06
C LEU A 409 11.28 1.23 54.16
N LEU A 410 11.20 0.03 54.75
CA LEU A 410 11.21 -1.18 53.95
C LEU A 410 9.99 -1.24 53.03
N SER A 411 8.82 -0.87 53.54
CA SER A 411 7.61 -0.89 52.72
C SER A 411 7.55 0.30 51.78
N PHE A 412 8.10 1.45 52.19
CA PHE A 412 8.04 2.64 51.36
C PHE A 412 8.83 2.45 50.07
N MET A 413 10.01 1.81 50.16
CA MET A 413 10.87 1.67 48.99
C MET A 413 10.22 0.87 47.88
N ILE A 414 9.35 -0.08 48.22
CA ILE A 414 8.61 -0.80 47.19
C ILE A 414 7.65 0.13 46.46
N TYR A 415 6.97 1.00 47.19
CA TYR A 415 6.11 2.00 46.56
C TYR A 415 6.93 2.99 45.74
N GLN A 416 8.11 3.37 46.26
CA GLN A 416 8.98 4.27 45.54
C GLN A 416 9.46 3.63 44.24
N GLU A 417 9.76 2.34 44.27
CA GLU A 417 10.25 1.65 43.08
C GLU A 417 9.20 1.65 41.98
N SER A 418 7.98 1.20 42.31
CA SER A 418 6.96 1.01 41.28
C SER A 418 6.52 2.34 40.67
N VAL A 419 6.31 3.36 41.49
CA VAL A 419 5.82 4.63 40.97
C VAL A 419 6.88 5.29 40.10
N GLY A 420 8.16 5.06 40.39
CA GLY A 420 9.21 5.57 39.52
C GLY A 420 9.20 4.90 38.17
N SER A 421 8.93 3.59 38.14
CA SER A 421 8.87 2.87 36.88
C SER A 421 7.68 3.32 36.04
N TYR A 422 6.52 3.54 36.67
CA TYR A 422 5.34 3.96 35.93
C TYR A 422 5.51 5.35 35.34
N VAL A 423 6.18 6.25 36.06
CA VAL A 423 6.43 7.58 35.53
C VAL A 423 7.30 7.51 34.29
N GLN A 424 8.33 6.66 34.32
CA GLN A 424 9.17 6.47 33.13
C GLN A 424 8.35 5.92 31.97
N THR A 425 7.48 4.94 32.23
CA THR A 425 6.63 4.41 31.18
C THR A 425 5.63 5.46 30.69
N LEU A 426 5.10 6.27 31.60
CA LEU A 426 4.13 7.29 31.21
C LEU A 426 4.76 8.32 30.28
N VAL A 427 5.99 8.73 30.58
CA VAL A 427 6.67 9.70 29.73
C VAL A 427 7.03 9.08 28.39
N TYR A 428 7.49 7.83 28.38
CA TYR A 428 7.91 7.19 27.15
C TYR A 428 6.76 7.05 26.17
N ILE A 429 5.58 6.63 26.66
CA ILE A 429 4.45 6.44 25.77
C ILE A 429 3.97 7.76 25.20
N TYR A 430 3.96 8.82 26.01
CA TYR A 430 3.53 10.12 25.51
C TYR A 430 4.46 10.63 24.40
N GLY A 431 5.78 10.45 24.58
CA GLY A 431 6.71 10.86 23.55
C GLY A 431 6.57 10.03 22.28
N ASP A 432 6.32 8.72 22.44
CA ASP A 432 6.13 7.85 21.28
C ASP A 432 4.87 8.24 20.51
N MET A 433 3.81 8.64 21.25
CA MET A 433 2.57 9.02 20.60
C MET A 433 2.76 10.23 19.69
N LEU A 434 3.50 11.23 20.18
CA LEU A 434 3.73 12.43 19.37
C LEU A 434 4.62 12.14 18.17
N SER A 435 5.62 11.26 18.33
CA SER A 435 6.53 10.97 17.23
C SER A 435 5.81 10.27 16.08
N ASN A 436 4.89 9.36 16.39
CA ASN A 436 4.16 8.66 15.34
C ASN A 436 3.29 9.62 14.55
N VAL A 437 2.63 10.55 15.22
CA VAL A 437 1.80 11.54 14.54
C VAL A 437 2.65 12.44 13.65
N GLY A 438 3.80 12.89 14.17
CA GLY A 438 4.67 13.76 13.40
C GLY A 438 5.37 13.08 12.24
N ALA A 439 5.46 11.74 12.28
CA ALA A 439 6.09 11.03 11.17
C ALA A 439 5.24 11.11 9.90
N ALA A 440 3.92 11.26 10.05
CA ALA A 440 3.02 11.38 8.92
C ALA A 440 2.69 12.84 8.60
N GLU A 441 3.67 13.74 8.73
CA GLU A 441 3.43 15.15 8.47
C GLU A 441 2.96 15.39 7.03
N LYS A 442 3.47 14.60 6.09
CA LYS A 442 3.16 14.83 4.68
C LYS A 442 1.68 14.57 4.39
N VAL A 443 1.07 13.64 5.12
CA VAL A 443 -0.36 13.36 4.93
C VAL A 443 -1.19 14.58 5.27
N PHE A 444 -0.87 15.24 6.38
CA PHE A 444 -1.57 16.48 6.73
C PHE A 444 -1.36 17.55 5.68
N SER A 445 -0.13 17.69 5.18
CA SER A 445 0.15 18.72 4.18
C SER A 445 -0.65 18.50 2.91
N TYR A 446 -0.88 17.24 2.53
CA TYR A 446 -1.71 16.96 1.37
C TYR A 446 -3.18 17.27 1.64
N MET A 447 -3.66 16.93 2.83
CA MET A 447 -5.08 17.06 3.14
C MET A 447 -5.53 18.52 3.13
N ASP A 448 -4.72 19.41 3.69
CA ASP A 448 -5.08 20.82 3.81
C ASP A 448 -4.54 21.67 2.66
N ARG A 449 -3.91 21.07 1.65
CA ARG A 449 -3.37 21.84 0.54
C ARG A 449 -4.48 22.45 -0.29
N GLN A 450 -4.50 23.77 -0.36
CA GLN A 450 -5.47 24.47 -1.20
C GLN A 450 -4.99 24.44 -2.65
N PRO A 451 -5.81 23.97 -3.58
CA PRO A 451 -5.37 23.89 -4.98
C PRO A 451 -5.15 25.27 -5.59
N ASN A 452 -4.22 25.33 -6.54
CA ASN A 452 -3.91 26.57 -7.23
C ASN A 452 -4.86 26.76 -8.42
N LEU A 453 -6.14 26.95 -8.08
CA LEU A 453 -7.22 27.08 -9.05
C LEU A 453 -8.04 28.30 -8.72
N PRO A 454 -8.72 28.89 -9.71
CA PRO A 454 -9.59 30.03 -9.43
C PRO A 454 -10.82 29.59 -8.64
N SER A 455 -11.50 30.58 -8.07
CA SER A 455 -12.69 30.30 -7.28
C SER A 455 -13.76 29.64 -8.16
N PRO A 456 -14.53 28.71 -7.61
CA PRO A 456 -15.50 27.97 -8.44
C PRO A 456 -16.52 28.90 -9.07
N GLY A 457 -16.91 28.58 -10.30
CA GLY A 457 -17.92 29.35 -11.00
C GLY A 457 -19.33 28.93 -10.64
N THR A 458 -20.29 29.74 -11.09
CA THR A 458 -21.70 29.48 -10.78
C THR A 458 -22.62 29.53 -11.99
N LEU A 459 -22.18 30.02 -13.14
CA LEU A 459 -23.08 30.17 -14.28
C LEU A 459 -23.53 28.82 -14.81
N ALA A 460 -24.79 28.75 -15.23
CA ALA A 460 -25.37 27.56 -15.84
C ALA A 460 -26.62 27.93 -16.62
N PRO A 461 -26.49 28.60 -17.76
CA PRO A 461 -27.67 29.00 -18.52
C PRO A 461 -28.40 27.80 -19.11
N THR A 462 -29.71 27.98 -19.30
CA THR A 462 -30.52 26.89 -19.85
C THR A 462 -30.27 26.69 -21.34
N THR A 463 -29.76 27.72 -22.02
CA THR A 463 -29.42 27.61 -23.44
C THR A 463 -28.06 28.23 -23.69
N LEU A 464 -27.31 27.64 -24.61
CA LEU A 464 -25.96 28.06 -24.92
C LEU A 464 -25.76 28.10 -26.42
N GLN A 465 -25.29 29.23 -26.94
CA GLN A 465 -25.05 29.35 -28.37
C GLN A 465 -23.80 28.59 -28.80
N GLY A 466 -22.74 28.67 -28.01
CA GLY A 466 -21.52 27.94 -28.32
C GLY A 466 -20.46 28.72 -29.07
N VAL A 467 -20.39 30.03 -28.87
CA VAL A 467 -19.39 30.85 -29.53
C VAL A 467 -18.18 30.98 -28.61
N VAL A 468 -17.01 30.53 -29.09
CA VAL A 468 -15.79 30.54 -28.31
C VAL A 468 -14.77 31.43 -29.03
N LYS A 469 -14.00 32.19 -28.26
CA LYS A 469 -13.04 33.11 -28.83
C LYS A 469 -11.85 33.26 -27.91
N PHE A 470 -10.68 33.47 -28.51
CA PHE A 470 -9.45 33.77 -27.79
C PHE A 470 -9.14 35.25 -27.93
N GLN A 471 -8.61 35.86 -26.88
CA GLN A 471 -8.27 37.28 -26.88
C GLN A 471 -6.83 37.44 -26.40
N ASP A 472 -5.88 37.37 -27.34
CA ASP A 472 -4.46 37.54 -27.05
C ASP A 472 -3.99 36.60 -25.94
N VAL A 473 -4.32 35.32 -26.08
CA VAL A 473 -4.04 34.34 -25.04
C VAL A 473 -2.57 33.94 -25.07
N SER A 474 -1.91 34.03 -23.92
CA SER A 474 -0.55 33.56 -23.76
C SER A 474 -0.50 32.62 -22.57
N PHE A 475 0.33 31.58 -22.66
CA PHE A 475 0.32 30.55 -21.65
C PHE A 475 1.73 29.98 -21.45
N ALA A 476 2.04 29.67 -20.19
CA ALA A 476 3.26 28.95 -19.82
C ALA A 476 2.89 27.96 -18.73
N TYR A 477 3.43 26.75 -18.84
CA TYR A 477 3.04 25.69 -17.92
C TYR A 477 3.47 26.03 -16.49
N PRO A 478 2.61 25.81 -15.49
CA PRO A 478 2.96 26.21 -14.13
C PRO A 478 4.17 25.50 -13.56
N ASN A 479 4.40 24.24 -13.93
CA ASN A 479 5.53 23.50 -13.38
C ASN A 479 6.86 23.88 -14.03
N ARG A 480 6.82 24.59 -15.15
CA ARG A 480 8.04 25.03 -15.83
C ARG A 480 7.75 26.34 -16.56
N PRO A 481 7.81 27.47 -15.83
CA PRO A 481 7.65 28.77 -16.50
C PRO A 481 8.89 29.17 -17.28
N ASP A 482 8.90 30.41 -17.79
CA ASP A 482 10.02 30.98 -18.54
C ASP A 482 10.18 30.32 -19.90
N ARG A 483 9.30 29.39 -20.24
CA ARG A 483 9.20 28.83 -21.58
C ARG A 483 7.78 29.03 -22.08
N PRO A 484 7.48 30.15 -22.75
CA PRO A 484 6.10 30.38 -23.23
C PRO A 484 5.77 29.45 -24.38
N VAL A 485 4.71 28.67 -24.20
CA VAL A 485 4.26 27.75 -25.24
C VAL A 485 3.39 28.47 -26.27
N LEU A 486 2.58 29.42 -25.84
CA LEU A 486 1.74 30.22 -26.72
C LEU A 486 2.14 31.68 -26.61
N LYS A 487 2.43 32.29 -27.76
CA LYS A 487 2.87 33.69 -27.80
C LYS A 487 1.73 34.68 -28.04
N GLY A 488 0.52 34.19 -28.27
CA GLY A 488 -0.62 35.05 -28.49
C GLY A 488 -1.53 34.57 -29.60
N LEU A 489 -2.80 34.36 -29.28
CA LEU A 489 -3.78 33.83 -30.21
C LEU A 489 -5.05 34.68 -30.15
N THR A 490 -5.70 34.86 -31.30
CA THR A 490 -6.90 35.69 -31.36
C THR A 490 -7.99 35.09 -32.23
N PHE A 491 -8.07 33.77 -32.34
CA PHE A 491 -9.07 33.16 -33.20
C PHE A 491 -10.43 33.06 -32.49
N THR A 492 -11.48 32.90 -33.28
CA THR A 492 -12.83 32.74 -32.78
C THR A 492 -13.49 31.56 -33.48
N LEU A 493 -14.37 30.87 -32.78
CA LEU A 493 -15.11 29.74 -33.31
C LEU A 493 -16.59 30.08 -33.38
N ARG A 494 -17.26 29.56 -34.42
CA ARG A 494 -18.67 29.84 -34.64
C ARG A 494 -19.46 28.54 -34.77
N PRO A 495 -20.72 28.54 -34.34
CA PRO A 495 -21.54 27.32 -34.49
C PRO A 495 -21.76 26.98 -35.96
N GLY A 496 -21.76 25.69 -36.26
CA GLY A 496 -22.03 25.21 -37.60
C GLY A 496 -20.86 25.29 -38.55
N GLU A 497 -19.73 25.84 -38.13
CA GLU A 497 -18.55 25.97 -38.98
C GLU A 497 -17.42 25.17 -38.37
N VAL A 498 -16.81 24.30 -39.16
CA VAL A 498 -15.71 23.46 -38.70
C VAL A 498 -14.41 24.23 -38.83
N THR A 499 -13.70 24.37 -37.71
CA THR A 499 -12.41 25.08 -37.69
C THR A 499 -11.29 24.06 -37.53
N ALA A 500 -10.26 24.20 -38.35
CA ALA A 500 -9.12 23.28 -38.36
C ALA A 500 -7.89 23.96 -37.79
N LEU A 501 -7.17 23.24 -36.93
CA LEU A 501 -5.91 23.69 -36.37
C LEU A 501 -4.83 22.68 -36.74
N VAL A 502 -3.79 23.16 -37.43
CA VAL A 502 -2.73 22.29 -37.93
C VAL A 502 -1.38 22.85 -37.49
N GLY A 503 -0.40 21.96 -37.40
CA GLY A 503 0.93 22.34 -37.02
C GLY A 503 1.81 21.14 -36.72
N PRO A 504 3.12 21.34 -36.70
CA PRO A 504 4.04 20.24 -36.38
C PRO A 504 3.94 19.84 -34.92
N ASN A 505 4.68 18.78 -34.58
CA ASN A 505 4.72 18.31 -33.21
C ASN A 505 5.38 19.35 -32.31
N GLY A 506 4.83 19.49 -31.10
CA GLY A 506 5.35 20.47 -30.17
C GLY A 506 4.96 21.90 -30.46
N SER A 507 4.08 22.12 -31.44
CA SER A 507 3.67 23.49 -31.75
C SER A 507 2.79 24.07 -30.66
N GLY A 508 1.99 23.25 -30.00
CA GLY A 508 1.13 23.72 -28.93
C GLY A 508 -0.35 23.53 -29.23
N LYS A 509 -0.67 22.55 -30.08
CA LYS A 509 -2.07 22.33 -30.44
C LYS A 509 -2.85 21.74 -29.27
N SER A 510 -2.29 20.73 -28.59
CA SER A 510 -3.01 20.13 -27.47
C SER A 510 -3.10 21.06 -26.28
N THR A 511 -2.10 21.95 -26.12
CA THR A 511 -2.18 22.93 -25.04
C THR A 511 -3.32 23.91 -25.28
N VAL A 512 -3.62 24.22 -26.53
CA VAL A 512 -4.77 25.07 -26.83
C VAL A 512 -6.06 24.34 -26.45
N ALA A 513 -6.16 23.04 -26.75
CA ALA A 513 -7.35 22.29 -26.40
C ALA A 513 -7.55 22.23 -24.88
N ALA A 514 -6.45 22.12 -24.13
CA ALA A 514 -6.57 22.12 -22.67
C ALA A 514 -7.13 23.43 -22.14
N LEU A 515 -6.74 24.55 -22.75
CA LEU A 515 -7.25 25.85 -22.32
C LEU A 515 -8.74 25.98 -22.66
N LEU A 516 -9.18 25.35 -23.76
CA LEU A 516 -10.60 25.35 -24.09
C LEU A 516 -11.44 24.69 -23.00
N GLN A 517 -10.89 23.67 -22.35
CA GLN A 517 -11.62 22.89 -21.36
C GLN A 517 -11.40 23.38 -19.94
N ASN A 518 -10.74 24.52 -19.76
CA ASN A 518 -10.46 25.10 -18.45
C ASN A 518 -9.61 24.16 -17.59
N LEU A 519 -8.75 23.36 -18.23
CA LEU A 519 -7.81 22.54 -17.49
C LEU A 519 -6.66 23.39 -16.94
N TYR A 520 -6.25 24.42 -17.66
CA TYR A 520 -5.20 25.32 -17.22
C TYR A 520 -5.64 26.75 -17.45
N GLN A 521 -5.09 27.66 -16.65
CA GLN A 521 -5.41 29.08 -16.81
C GLN A 521 -4.35 29.78 -17.62
N PRO A 522 -4.74 30.59 -18.61
CA PRO A 522 -3.75 31.33 -19.38
C PRO A 522 -3.03 32.36 -18.53
N THR A 523 -1.75 32.54 -18.80
CA THR A 523 -0.96 33.55 -18.10
C THR A 523 -1.14 34.95 -18.70
N GLY A 524 -1.86 35.05 -19.81
CA GLY A 524 -2.16 36.34 -20.41
C GLY A 524 -3.38 36.25 -21.30
N GLY A 525 -4.12 37.34 -21.43
CA GLY A 525 -5.36 37.28 -22.18
C GLY A 525 -6.44 36.55 -21.41
N GLN A 526 -7.47 36.13 -22.15
CA GLN A 526 -8.58 35.43 -21.53
C GLN A 526 -9.28 34.57 -22.59
N VAL A 527 -10.02 33.57 -22.10
CA VAL A 527 -10.80 32.68 -22.94
C VAL A 527 -12.27 32.87 -22.59
N LEU A 528 -13.10 33.07 -23.61
CA LEU A 528 -14.50 33.40 -23.42
C LEU A 528 -15.39 32.35 -24.08
N LEU A 529 -16.53 32.08 -23.44
CA LEU A 529 -17.59 31.25 -24.02
C LEU A 529 -18.88 32.03 -23.89
N ASP A 530 -19.49 32.37 -25.04
CA ASP A 530 -20.69 33.20 -25.08
C ASP A 530 -20.47 34.51 -24.34
N GLU A 531 -19.33 35.14 -24.59
CA GLU A 531 -18.95 36.43 -24.02
C GLU A 531 -18.83 36.39 -22.50
N LYS A 532 -18.57 35.22 -21.92
CA LYS A 532 -18.28 35.09 -20.52
C LYS A 532 -17.03 34.25 -20.31
N PRO A 533 -16.24 34.53 -19.27
CA PRO A 533 -15.02 33.75 -19.04
C PRO A 533 -15.34 32.27 -18.83
N ILE A 534 -14.42 31.42 -19.32
CA ILE A 534 -14.63 29.97 -19.23
C ILE A 534 -14.61 29.51 -17.78
N SER A 535 -13.93 30.23 -16.91
CA SER A 535 -13.83 29.84 -15.50
C SER A 535 -15.06 30.21 -14.69
N GLN A 536 -15.93 31.07 -15.22
CA GLN A 536 -17.13 31.46 -14.49
C GLN A 536 -18.23 30.43 -14.56
N TYR A 537 -18.17 29.49 -15.51
CA TYR A 537 -19.20 28.48 -15.62
C TYR A 537 -19.02 27.39 -14.56
N GLU A 538 -20.13 26.77 -14.19
CA GLU A 538 -20.10 25.73 -13.17
C GLU A 538 -19.30 24.52 -13.66
N HIS A 539 -18.58 23.89 -12.74
CA HIS A 539 -17.69 22.79 -13.11
C HIS A 539 -18.46 21.63 -13.72
N CYS A 540 -19.60 21.26 -13.11
CA CYS A 540 -20.39 20.17 -13.65
C CYS A 540 -21.08 20.56 -14.96
N TYR A 541 -21.53 21.81 -15.07
CA TYR A 541 -22.23 22.25 -16.28
C TYR A 541 -21.28 22.37 -17.46
N LEU A 542 -20.10 22.94 -17.24
CA LEU A 542 -19.18 23.23 -18.34
C LEU A 542 -18.73 21.97 -19.04
N HIS A 543 -18.39 20.94 -18.29
CA HIS A 543 -17.88 19.72 -18.92
C HIS A 543 -18.96 18.84 -19.49
N SER A 544 -20.23 19.26 -19.43
CA SER A 544 -21.30 18.60 -20.14
C SER A 544 -21.64 19.28 -21.46
N GLN A 545 -21.20 20.52 -21.65
CA GLN A 545 -21.39 21.26 -22.89
C GLN A 545 -20.15 21.25 -23.77
N VAL A 546 -18.96 21.35 -23.18
CA VAL A 546 -17.70 21.33 -23.91
C VAL A 546 -16.98 20.04 -23.58
N VAL A 547 -16.80 19.18 -24.59
CA VAL A 547 -16.13 17.91 -24.43
C VAL A 547 -15.06 17.77 -25.50
N SER A 548 -14.19 16.78 -25.33
CA SER A 548 -13.08 16.60 -26.24
C SER A 548 -12.69 15.14 -26.30
N VAL A 549 -11.94 14.80 -27.35
CA VAL A 549 -11.35 13.48 -27.52
C VAL A 549 -9.84 13.64 -27.51
N GLY A 550 -9.16 12.90 -26.66
CA GLY A 550 -7.74 13.07 -26.48
C GLY A 550 -6.91 12.47 -27.59
N GLN A 551 -5.63 12.86 -27.61
CA GLN A 551 -4.70 12.33 -28.61
C GLN A 551 -4.47 10.84 -28.40
N GLU A 552 -4.26 10.42 -27.16
CA GLU A 552 -4.12 9.01 -26.81
C GLU A 552 -5.15 8.70 -25.72
N PRO A 553 -6.32 8.20 -26.10
CA PRO A 553 -7.40 8.03 -25.13
C PRO A 553 -7.07 6.98 -24.08
N VAL A 554 -7.63 7.18 -22.89
CA VAL A 554 -7.46 6.25 -21.77
C VAL A 554 -8.85 5.82 -21.31
N LEU A 555 -9.02 4.52 -21.09
CA LEU A 555 -10.26 3.95 -20.58
C LEU A 555 -10.05 3.49 -19.14
N PHE A 556 -11.15 3.09 -18.51
CA PHE A 556 -11.13 2.65 -17.12
C PHE A 556 -11.67 1.23 -17.01
N SER A 557 -11.22 0.52 -15.99
CA SER A 557 -11.65 -0.85 -15.79
C SER A 557 -13.14 -0.90 -15.51
N GLY A 558 -13.88 -1.61 -16.35
CA GLY A 558 -15.31 -1.70 -16.21
C GLY A 558 -15.98 -2.15 -17.49
N SER A 559 -17.29 -1.98 -17.51
CA SER A 559 -18.08 -2.37 -18.67
C SER A 559 -17.97 -1.33 -19.78
N VAL A 560 -18.28 -1.76 -21.01
CA VAL A 560 -18.24 -0.82 -22.17
C VAL A 560 -19.28 0.27 -21.94
N ARG A 561 -20.44 -0.09 -21.38
CA ARG A 561 -21.53 0.90 -21.19
C ARG A 561 -21.16 1.87 -20.06
N ASN A 562 -20.13 1.53 -19.27
CA ASN A 562 -19.66 2.46 -18.20
C ASN A 562 -18.63 3.41 -18.84
N ASN A 563 -17.68 2.87 -19.62
CA ASN A 563 -16.75 3.74 -20.34
C ASN A 563 -17.62 4.76 -21.07
N ILE A 564 -18.50 4.30 -21.97
CA ILE A 564 -19.45 5.22 -22.55
C ILE A 564 -20.35 5.71 -21.43
N ALA A 565 -20.85 6.94 -21.56
CA ALA A 565 -21.64 7.60 -20.52
C ALA A 565 -20.84 7.70 -19.22
N TYR A 566 -19.53 7.90 -19.35
CA TYR A 566 -18.68 8.10 -18.18
C TYR A 566 -18.92 9.47 -17.59
N GLY A 567 -19.08 9.53 -16.27
CA GLY A 567 -19.33 10.79 -15.60
C GLY A 567 -20.77 11.25 -15.63
N LEU A 568 -21.68 10.45 -16.17
CA LEU A 568 -23.10 10.79 -16.21
C LEU A 568 -23.81 10.11 -15.07
N GLN A 569 -24.59 10.88 -14.30
CA GLN A 569 -25.30 10.33 -13.15
C GLN A 569 -26.37 9.34 -13.59
N SER A 570 -27.04 9.61 -14.71
CA SER A 570 -28.07 8.72 -15.22
C SER A 570 -28.05 8.77 -16.74
N CYS A 571 -28.10 7.59 -17.36
CA CYS A 571 -28.09 7.50 -18.82
C CYS A 571 -28.73 6.17 -19.22
N GLU A 572 -29.75 6.23 -20.07
CA GLU A 572 -30.45 5.03 -20.51
C GLU A 572 -29.69 4.35 -21.62
N ASP A 573 -29.96 3.05 -21.79
CA ASP A 573 -29.21 2.24 -22.75
C ASP A 573 -29.53 2.59 -24.19
N ASP A 574 -30.68 3.22 -24.46
CA ASP A 574 -30.95 3.66 -25.83
C ASP A 574 -30.08 4.83 -26.23
N LYS A 575 -29.77 5.72 -25.29
CA LYS A 575 -28.84 6.80 -25.56
C LYS A 575 -27.43 6.27 -25.80
N VAL A 576 -27.02 5.26 -25.03
CA VAL A 576 -25.68 4.70 -25.17
C VAL A 576 -25.52 4.04 -26.53
N MET A 577 -26.52 3.25 -26.94
CA MET A 577 -26.45 2.60 -28.25
C MET A 577 -26.48 3.60 -29.39
N ALA A 578 -27.19 4.72 -29.21
CA ALA A 578 -27.18 5.77 -30.23
C ALA A 578 -25.78 6.34 -30.41
N ALA A 579 -25.05 6.56 -29.31
CA ALA A 579 -23.69 7.05 -29.40
C ALA A 579 -22.77 6.02 -30.04
N ALA A 580 -22.96 4.74 -29.71
CA ALA A 580 -22.14 3.68 -30.28
C ALA A 580 -22.33 3.60 -31.79
N GLN A 581 -23.57 3.74 -32.26
CA GLN A 581 -23.81 3.72 -33.70
C GLN A 581 -23.22 4.93 -34.39
N ALA A 582 -23.28 6.10 -33.74
CA ALA A 582 -22.74 7.32 -34.35
C ALA A 582 -21.23 7.26 -34.48
N ALA A 583 -20.55 6.58 -33.55
CA ALA A 583 -19.11 6.42 -33.60
C ALA A 583 -18.66 5.17 -34.34
N HIS A 584 -19.60 4.45 -34.98
CA HIS A 584 -19.30 3.21 -35.69
C HIS A 584 -18.68 2.17 -34.78
N ALA A 585 -19.05 2.20 -33.49
CA ALA A 585 -18.55 1.23 -32.54
C ALA A 585 -19.48 0.04 -32.36
N ASP A 586 -20.72 0.13 -32.84
CA ASP A 586 -21.67 -0.95 -32.64
C ASP A 586 -21.27 -2.21 -33.40
N ASP A 587 -20.41 -2.08 -34.41
CA ASP A 587 -20.03 -3.24 -35.20
C ASP A 587 -19.24 -4.24 -34.36
N PHE A 588 -18.26 -3.75 -33.59
CA PHE A 588 -17.40 -4.63 -32.80
C PHE A 588 -17.91 -4.85 -31.39
N ILE A 589 -18.75 -3.95 -30.87
CA ILE A 589 -19.35 -4.16 -29.55
C ILE A 589 -20.26 -5.37 -29.58
N GLN A 590 -20.96 -5.58 -30.71
CA GLN A 590 -21.85 -6.72 -30.84
C GLN A 590 -21.11 -8.05 -30.72
N GLU A 591 -19.87 -8.11 -31.21
CA GLU A 591 -19.11 -9.35 -31.23
C GLU A 591 -18.45 -9.68 -29.90
N MET A 592 -18.53 -8.80 -28.91
CA MET A 592 -17.94 -9.08 -27.62
C MET A 592 -18.72 -10.16 -26.88
N GLU A 593 -18.09 -10.70 -25.83
CA GLU A 593 -18.67 -11.85 -25.12
C GLU A 593 -20.02 -11.51 -24.50
N HIS A 594 -20.14 -10.33 -23.86
CA HIS A 594 -21.40 -9.91 -23.26
C HIS A 594 -21.94 -8.66 -23.94
N GLY A 595 -21.47 -8.35 -25.15
CA GLY A 595 -21.96 -7.18 -25.85
C GLY A 595 -21.58 -5.89 -25.14
N ILE A 596 -22.58 -5.03 -24.94
CA ILE A 596 -22.34 -3.71 -24.35
C ILE A 596 -21.92 -3.80 -22.90
N TYR A 597 -22.20 -4.92 -22.23
CA TYR A 597 -21.83 -5.10 -20.84
C TYR A 597 -20.48 -5.81 -20.66
N THR A 598 -19.75 -6.04 -21.74
CA THR A 598 -18.48 -6.74 -21.65
C THR A 598 -17.45 -5.90 -20.90
N ASP A 599 -16.63 -6.57 -20.10
CA ASP A 599 -15.64 -5.87 -19.27
C ASP A 599 -14.47 -5.39 -20.13
N VAL A 600 -14.16 -4.11 -20.03
CA VAL A 600 -12.95 -3.56 -20.63
C VAL A 600 -11.80 -3.75 -19.66
N GLY A 601 -10.65 -4.21 -20.17
CA GLY A 601 -9.50 -4.43 -19.32
C GLY A 601 -8.96 -3.14 -18.75
N GLU A 602 -7.97 -3.30 -17.87
CA GLU A 602 -7.33 -2.15 -17.24
C GLU A 602 -6.76 -1.21 -18.29
N LYS A 603 -7.06 0.09 -18.14
CA LYS A 603 -6.65 1.15 -19.06
C LYS A 603 -6.95 0.80 -20.53
N GLY A 604 -7.93 -0.07 -20.76
CA GLY A 604 -8.27 -0.47 -22.11
C GLY A 604 -7.35 -1.48 -22.76
N SER A 605 -6.59 -2.23 -21.96
CA SER A 605 -5.60 -3.15 -22.50
C SER A 605 -6.20 -4.33 -23.24
N GLN A 606 -7.50 -4.60 -23.06
CA GLN A 606 -8.16 -5.73 -23.70
C GLN A 606 -8.92 -5.33 -24.97
N LEU A 607 -8.48 -4.26 -25.63
CA LEU A 607 -9.09 -3.79 -26.87
C LEU A 607 -8.00 -3.40 -27.85
N ALA A 608 -8.35 -3.40 -29.13
CA ALA A 608 -7.44 -2.90 -30.15
C ALA A 608 -7.31 -1.39 -30.04
N ALA A 609 -6.25 -0.86 -30.67
CA ALA A 609 -6.02 0.58 -30.62
C ALA A 609 -7.13 1.34 -31.33
N GLY A 610 -7.57 0.86 -32.49
CA GLY A 610 -8.69 1.48 -33.16
C GLY A 610 -9.99 1.35 -32.38
N GLN A 611 -10.19 0.19 -31.74
CA GLN A 611 -11.39 -0.01 -30.93
C GLN A 611 -11.41 0.93 -29.73
N LYS A 612 -10.24 1.16 -29.13
CA LYS A 612 -10.16 2.13 -28.04
C LYS A 612 -10.54 3.52 -28.51
N GLN A 613 -10.09 3.90 -29.72
CA GLN A 613 -10.38 5.23 -30.23
C GLN A 613 -11.87 5.45 -30.46
N ARG A 614 -12.58 4.42 -30.92
CA ARG A 614 -14.01 4.57 -31.20
C ARG A 614 -14.81 4.75 -29.92
N LEU A 615 -14.46 4.01 -28.86
CA LEU A 615 -15.15 4.17 -27.59
C LEU A 615 -14.91 5.55 -26.98
N ALA A 616 -13.75 6.15 -27.28
CA ALA A 616 -13.50 7.50 -26.81
C ALA A 616 -14.37 8.52 -27.54
N ILE A 617 -14.62 8.30 -28.82
CA ILE A 617 -15.50 9.20 -29.58
C ILE A 617 -16.93 9.06 -29.08
N ALA A 618 -17.38 7.84 -28.85
CA ALA A 618 -18.74 7.62 -28.35
C ALA A 618 -18.93 8.22 -26.97
N ARG A 619 -17.88 8.22 -26.15
CA ARG A 619 -17.95 8.82 -24.82
C ARG A 619 -18.25 10.31 -24.90
N ALA A 620 -17.84 10.96 -26.00
CA ALA A 620 -18.10 12.38 -26.16
C ALA A 620 -19.44 12.65 -26.83
N LEU A 621 -19.84 11.78 -27.77
CA LEU A 621 -21.09 11.99 -28.50
C LEU A 621 -22.31 11.71 -27.64
N VAL A 622 -22.18 10.85 -26.63
CA VAL A 622 -23.31 10.49 -25.78
C VAL A 622 -23.79 11.66 -24.94
N ARG A 623 -22.97 12.70 -24.80
CA ARG A 623 -23.29 13.83 -23.93
C ARG A 623 -24.04 14.93 -24.66
N ASP A 624 -24.24 14.81 -25.98
CA ASP A 624 -24.86 15.85 -26.79
C ASP A 624 -24.17 17.20 -26.59
N PRO A 625 -22.88 17.31 -26.91
CA PRO A 625 -22.14 18.52 -26.59
C PRO A 625 -22.51 19.70 -27.47
N ARG A 626 -22.30 20.90 -26.94
CA ARG A 626 -22.42 22.12 -27.71
C ARG A 626 -21.12 22.48 -28.42
N VAL A 627 -19.98 22.24 -27.78
CA VAL A 627 -18.67 22.47 -28.36
C VAL A 627 -17.91 21.15 -28.33
N LEU A 628 -17.37 20.75 -29.48
CA LEU A 628 -16.66 19.48 -29.62
C LEU A 628 -15.25 19.74 -30.09
N ILE A 629 -14.27 19.12 -29.42
CA ILE A 629 -12.86 19.26 -29.74
C ILE A 629 -12.32 17.89 -30.10
N LEU A 630 -11.63 17.80 -31.24
CA LEU A 630 -11.07 16.54 -31.73
C LEU A 630 -9.56 16.70 -31.85
N ASP A 631 -8.84 16.26 -30.81
CA ASP A 631 -7.38 16.36 -30.77
C ASP A 631 -6.78 15.12 -31.42
N GLU A 632 -6.68 15.17 -32.75
CA GLU A 632 -6.10 14.11 -33.56
C GLU A 632 -6.77 12.75 -33.32
N ALA A 633 -8.09 12.76 -33.12
CA ALA A 633 -8.79 11.52 -32.83
C ALA A 633 -8.85 10.57 -34.03
N THR A 634 -8.77 11.10 -35.25
CA THR A 634 -8.93 10.29 -36.44
C THR A 634 -7.66 9.55 -36.84
N SER A 635 -6.54 9.82 -36.17
CA SER A 635 -5.25 9.26 -36.59
C SER A 635 -5.23 7.74 -36.50
N ALA A 636 -5.75 7.17 -35.41
CA ALA A 636 -5.64 5.73 -35.20
C ALA A 636 -6.65 4.92 -36.02
N LEU A 637 -7.66 5.57 -36.58
CA LEU A 637 -8.68 4.87 -37.34
C LEU A 637 -8.18 4.54 -38.75
N ASP A 638 -8.73 3.48 -39.33
CA ASP A 638 -8.32 3.05 -40.65
C ASP A 638 -8.85 3.99 -41.72
N VAL A 639 -8.54 3.65 -42.98
CA VAL A 639 -8.89 4.50 -44.12
C VAL A 639 -10.40 4.62 -44.29
N GLN A 640 -11.15 3.56 -44.02
CA GLN A 640 -12.59 3.60 -44.22
C GLN A 640 -13.29 4.49 -43.19
N CYS A 641 -12.92 4.37 -41.91
CA CYS A 641 -13.57 5.16 -40.88
C CYS A 641 -13.13 6.62 -40.91
N GLU A 642 -11.90 6.89 -41.36
CA GLU A 642 -11.45 8.27 -41.44
C GLU A 642 -12.24 9.07 -42.48
N GLN A 643 -12.84 8.37 -43.44
CA GLN A 643 -13.69 9.02 -44.44
C GLN A 643 -15.14 9.06 -44.01
N ALA A 644 -15.58 8.08 -43.21
CA ALA A 644 -16.97 8.06 -42.77
C ALA A 644 -17.27 9.15 -41.76
N LEU A 645 -16.34 9.39 -40.83
CA LEU A 645 -16.54 10.35 -39.74
C LEU A 645 -16.11 11.76 -40.13
N GLN A 646 -16.66 12.28 -41.24
CA GLN A 646 -16.35 13.63 -41.69
C GLN A 646 -17.53 14.59 -41.55
N ASP A 647 -18.64 14.13 -40.99
CA ASP A 647 -19.89 14.88 -40.96
C ASP A 647 -20.19 15.46 -39.57
N TRP A 648 -19.16 15.95 -38.87
CA TRP A 648 -19.35 16.42 -37.50
C TRP A 648 -20.37 17.54 -37.41
N ASN A 649 -20.43 18.41 -38.42
CA ASN A 649 -21.28 19.60 -38.38
C ASN A 649 -22.64 19.40 -39.04
N SER A 650 -23.09 18.15 -39.20
CA SER A 650 -24.35 17.90 -39.89
C SER A 650 -25.54 18.54 -39.17
N ARG A 651 -25.49 18.62 -37.84
CA ARG A 651 -26.61 19.22 -37.10
C ARG A 651 -26.70 20.73 -37.33
N GLY A 652 -25.57 21.40 -37.46
CA GLY A 652 -25.54 22.83 -37.67
C GLY A 652 -25.58 23.68 -36.42
N ASP A 653 -25.73 23.07 -35.25
CA ASP A 653 -25.72 23.81 -33.99
C ASP A 653 -24.42 23.65 -33.22
N ARG A 654 -23.70 22.55 -33.41
CA ARG A 654 -22.47 22.30 -32.68
C ARG A 654 -21.34 23.19 -33.19
N THR A 655 -20.36 23.41 -32.32
CA THR A 655 -19.11 24.06 -32.69
C THR A 655 -18.00 23.01 -32.66
N VAL A 656 -17.32 22.84 -33.78
CA VAL A 656 -16.36 21.76 -33.96
C VAL A 656 -14.98 22.33 -34.23
N LEU A 657 -13.99 21.84 -33.50
CA LEU A 657 -12.59 22.17 -33.72
C LEU A 657 -11.82 20.88 -33.95
N VAL A 658 -11.17 20.78 -35.11
CA VAL A 658 -10.42 19.58 -35.48
C VAL A 658 -8.94 19.91 -35.48
N ILE A 659 -8.14 19.06 -34.84
CA ILE A 659 -6.70 19.24 -34.73
C ILE A 659 -6.02 18.13 -35.52
N ALA A 660 -5.14 18.51 -36.44
CA ALA A 660 -4.47 17.55 -37.30
C ALA A 660 -3.01 17.94 -37.47
N HIS A 661 -2.21 16.97 -37.91
CA HIS A 661 -0.79 17.18 -38.13
C HIS A 661 -0.48 17.69 -39.53
N ARG A 662 -1.21 17.21 -40.54
CA ARG A 662 -0.95 17.55 -41.93
C ARG A 662 -2.21 18.10 -42.56
N LEU A 663 -2.03 19.00 -43.54
CA LEU A 663 -3.16 19.66 -44.17
C LEU A 663 -3.98 18.73 -45.05
N GLN A 664 -3.49 17.53 -45.33
CA GLN A 664 -4.19 16.58 -46.19
C GLN A 664 -5.37 15.93 -45.47
N THR A 665 -5.74 16.43 -44.30
CA THR A 665 -6.80 15.85 -43.50
C THR A 665 -8.00 16.78 -43.30
N VAL A 666 -7.84 18.07 -43.57
CA VAL A 666 -8.85 19.07 -43.20
C VAL A 666 -9.38 19.83 -44.41
N GLN A 667 -9.45 19.14 -45.56
CA GLN A 667 -9.91 19.80 -46.79
C GLN A 667 -11.25 20.53 -46.83
N ARG A 668 -12.25 20.03 -46.12
CA ARG A 668 -13.55 20.70 -46.08
C ARG A 668 -13.87 21.59 -44.78
N ALA A 669 -12.74 21.95 -44.18
CA ALA A 669 -12.77 22.73 -42.94
C ALA A 669 -13.19 24.07 -43.51
N HIS A 670 -14.07 24.75 -42.78
CA HIS A 670 -14.50 26.09 -43.17
C HIS A 670 -13.43 27.14 -42.86
N GLN A 671 -12.70 26.96 -41.75
CA GLN A 671 -11.66 27.89 -41.35
C GLN A 671 -10.43 27.10 -40.94
N ILE A 672 -9.25 27.53 -41.39
CA ILE A 672 -8.01 26.82 -41.16
C ILE A 672 -7.06 27.73 -40.40
N LEU A 673 -6.49 27.21 -39.31
CA LEU A 673 -5.51 27.92 -38.51
C LEU A 673 -4.19 27.15 -38.54
N VAL A 674 -3.11 27.85 -38.85
CA VAL A 674 -1.78 27.25 -38.91
C VAL A 674 -0.97 27.76 -37.73
N LEU A 675 -0.44 26.83 -36.93
CA LEU A 675 0.27 27.17 -35.71
C LEU A 675 1.71 26.65 -35.80
N GLN A 676 2.66 27.52 -35.47
CA GLN A 676 4.06 27.13 -35.37
C GLN A 676 4.75 28.00 -34.32
N GLU A 677 5.59 27.37 -33.50
CA GLU A 677 6.32 28.04 -32.43
C GLU A 677 5.40 28.80 -31.48
N GLY A 678 4.16 28.35 -31.33
CA GLY A 678 3.20 29.01 -30.48
C GLY A 678 2.53 30.22 -31.09
N LYS A 679 2.76 30.49 -32.37
CA LYS A 679 2.16 31.63 -33.06
C LYS A 679 1.33 31.13 -34.24
N LEU A 680 0.22 31.82 -34.49
CA LEU A 680 -0.65 31.50 -35.61
C LEU A 680 -0.30 32.39 -36.79
N GLN A 681 -0.19 31.79 -37.97
CA GLN A 681 0.22 32.52 -39.16
C GLN A 681 -0.98 32.98 -39.98
N ALA B 88 6.31 -14.68 48.59
CA ALA B 88 6.48 -15.62 47.49
C ALA B 88 7.29 -15.00 46.36
N ILE B 89 8.00 -15.86 45.61
CA ILE B 89 8.83 -15.39 44.51
C ILE B 89 7.94 -15.06 43.31
N ARG B 90 8.14 -13.87 42.75
CA ARG B 90 7.37 -13.41 41.60
C ARG B 90 8.20 -13.62 40.34
N ILE B 91 7.97 -14.74 39.67
CA ILE B 91 8.70 -15.03 38.43
C ILE B 91 8.34 -14.07 37.32
N LEU B 92 7.06 -13.76 37.14
CA LEU B 92 6.63 -12.74 36.19
C LEU B 92 6.90 -11.36 36.80
N GLY B 93 6.47 -10.31 36.11
CA GLY B 93 6.63 -8.96 36.62
C GLY B 93 5.58 -8.62 37.65
N CYS B 94 5.77 -7.46 38.29
CA CYS B 94 4.76 -6.94 39.19
C CYS B 94 3.51 -6.49 38.45
N ASP B 95 3.65 -6.17 37.15
CA ASP B 95 2.51 -5.76 36.33
C ASP B 95 2.70 -6.37 34.95
N PRO B 96 2.47 -7.69 34.82
CA PRO B 96 2.84 -8.39 33.57
C PRO B 96 2.09 -7.89 32.34
N GLU B 97 0.92 -7.28 32.50
CA GLU B 97 0.22 -6.74 31.35
C GLU B 97 0.97 -5.59 30.71
N LEU B 98 1.79 -4.88 31.50
CA LEU B 98 2.61 -3.78 31.00
C LEU B 98 4.06 -4.17 30.80
N ARG B 99 4.37 -5.46 30.86
CA ARG B 99 5.77 -5.89 30.74
C ARG B 99 6.33 -5.62 29.34
N PHE B 100 5.50 -5.70 28.31
CA PHE B 100 5.96 -5.58 26.93
C PHE B 100 5.21 -4.48 26.21
N HIS B 101 5.94 -3.76 25.36
CA HIS B 101 5.38 -2.84 24.39
C HIS B 101 5.89 -3.24 23.02
N HIS B 102 4.97 -3.45 22.08
CA HIS B 102 5.28 -4.11 20.82
C HIS B 102 6.04 -5.40 21.08
N GLY B 103 7.27 -5.48 20.57
CA GLY B 103 8.13 -6.64 20.80
C GLY B 103 9.28 -6.41 21.75
N HIS B 104 9.29 -5.32 22.51
CA HIS B 104 10.39 -4.97 23.40
C HIS B 104 9.90 -4.83 24.83
N ALA B 105 10.81 -5.05 25.77
CA ALA B 105 10.46 -5.06 27.18
C ALA B 105 10.27 -3.64 27.71
N LEU B 106 9.72 -3.57 28.93
CA LEU B 106 9.46 -2.31 29.61
C LEU B 106 10.13 -2.34 30.97
N ASN B 107 10.05 -1.21 31.69
CA ASN B 107 10.84 -1.01 32.90
C ASN B 107 10.11 -1.46 34.16
N ILE B 108 9.21 -2.43 34.05
CA ILE B 108 8.48 -2.96 35.19
C ILE B 108 9.14 -4.27 35.62
N ARG B 109 9.71 -4.27 36.83
CA ARG B 109 10.30 -5.46 37.42
C ARG B 109 10.18 -5.39 38.92
N GLY B 110 10.31 -6.55 39.56
CA GLY B 110 10.33 -6.63 41.01
C GLY B 110 11.71 -6.35 41.57
N LEU B 111 12.15 -5.08 41.47
CA LEU B 111 13.48 -4.73 41.95
C LEU B 111 13.59 -4.95 43.46
N PHE B 112 12.56 -4.59 44.22
CA PHE B 112 12.44 -4.99 45.62
C PHE B 112 11.29 -5.95 45.88
N GLY B 113 10.16 -5.78 45.20
CA GLY B 113 9.02 -6.64 45.40
C GLY B 113 7.77 -5.99 44.84
N CYS B 114 6.65 -6.68 45.05
CA CYS B 114 5.36 -6.22 44.56
C CYS B 114 4.70 -5.35 45.60
N PRO B 115 4.26 -4.13 45.24
CA PRO B 115 3.61 -3.26 46.22
C PRO B 115 2.28 -3.84 46.69
N LYS B 116 1.93 -3.51 47.93
CA LYS B 116 0.65 -3.89 48.49
C LYS B 116 -0.40 -2.86 48.06
N THR B 117 -1.45 -3.32 47.38
CA THR B 117 -2.47 -2.45 46.83
C THR B 117 -3.82 -2.66 47.48
N THR B 118 -3.83 -3.02 48.77
CA THR B 118 -5.07 -3.19 49.52
C THR B 118 -5.14 -2.13 50.62
N PRO B 119 -5.93 -1.07 50.41
CA PRO B 119 -5.93 -0.08 51.49
C PRO B 119 -6.58 -0.61 52.75
N LYS B 120 -6.32 0.05 53.88
CA LYS B 120 -6.84 -0.42 55.16
C LYS B 120 -8.36 -0.28 55.23
N GLY B 121 -8.91 0.76 54.62
CA GLY B 121 -10.35 0.91 54.61
C GLY B 121 -11.06 -0.15 53.78
N ILE B 122 -10.46 -0.51 52.65
CA ILE B 122 -11.12 -1.44 51.72
C ILE B 122 -11.16 -2.85 52.30
N VAL B 123 -10.06 -3.31 52.90
CA VAL B 123 -10.02 -4.66 53.45
C VAL B 123 -11.04 -4.81 54.57
N PHE B 124 -11.22 -3.76 55.39
CA PHE B 124 -12.29 -3.76 56.38
C PHE B 124 -13.65 -3.84 55.68
N LEU B 125 -13.82 -3.08 54.59
CA LEU B 125 -15.11 -3.07 53.89
C LEU B 125 -15.36 -4.38 53.15
N LEU B 126 -14.30 -5.12 52.81
CA LEU B 126 -14.48 -6.35 52.06
C LEU B 126 -14.96 -7.52 52.92
N GLU B 127 -14.97 -7.37 54.24
CA GLU B 127 -15.51 -8.40 55.13
C GLU B 127 -16.76 -7.98 55.89
N ARG B 128 -16.85 -6.73 56.33
CA ARG B 128 -18.07 -6.17 56.90
C ARG B 128 -18.76 -5.37 55.80
N TYR B 129 -20.04 -5.67 55.57
CA TYR B 129 -20.81 -5.23 54.40
C TYR B 129 -20.15 -5.65 53.09
N GLY B 130 -19.28 -6.65 53.10
CA GLY B 130 -18.55 -7.01 51.89
C GLY B 130 -19.43 -7.59 50.81
N GLY B 131 -20.43 -8.39 51.20
CA GLY B 131 -21.29 -9.04 50.23
C GLY B 131 -22.12 -8.07 49.40
N ALA B 132 -22.39 -6.89 49.93
CA ALA B 132 -23.15 -5.89 49.17
C ALA B 132 -22.31 -5.22 48.11
N THR B 133 -21.02 -5.05 48.37
CA THR B 133 -20.14 -4.37 47.41
C THR B 133 -20.04 -5.15 46.10
N LEU B 134 -20.07 -6.48 46.18
CA LEU B 134 -20.02 -7.29 44.96
C LEU B 134 -21.23 -7.04 44.07
N MET B 135 -22.42 -6.93 44.68
CA MET B 135 -23.62 -6.65 43.90
C MET B 135 -23.55 -5.25 43.28
N LEU B 136 -23.06 -4.27 44.04
CA LEU B 136 -22.92 -2.92 43.49
C LEU B 136 -21.90 -2.89 42.36
N TYR B 137 -20.80 -3.62 42.52
CA TYR B 137 -19.78 -3.67 41.48
C TYR B 137 -20.34 -4.29 40.20
N LEU B 138 -21.12 -5.37 40.33
CA LEU B 138 -21.68 -6.02 39.16
C LEU B 138 -22.73 -5.15 38.48
N LEU B 139 -23.52 -4.42 39.28
CA LEU B 139 -24.55 -3.55 38.71
C LEU B 139 -23.93 -2.44 37.88
N MET B 140 -22.82 -1.88 38.34
CA MET B 140 -22.13 -0.84 37.56
C MET B 140 -21.64 -1.39 36.22
N ILE B 141 -21.18 -2.64 36.21
CA ILE B 141 -20.76 -3.26 34.96
C ILE B 141 -21.95 -3.43 34.03
N LEU B 142 -23.08 -3.88 34.57
CA LEU B 142 -24.27 -4.08 33.74
C LEU B 142 -24.78 -2.76 33.20
N LEU B 143 -24.80 -1.70 34.02
CA LEU B 143 -25.22 -0.39 33.55
C LEU B 143 -24.29 0.14 32.46
N SER B 144 -22.99 -0.08 32.63
CA SER B 144 -22.03 0.35 31.61
C SER B 144 -22.24 -0.39 30.30
N LEU B 145 -22.56 -1.70 30.39
CA LEU B 145 -22.82 -2.47 29.18
C LEU B 145 -24.06 -1.95 28.45
N MET B 146 -25.11 -1.63 29.21
CA MET B 146 -26.36 -1.16 28.59
C MET B 146 -26.17 0.21 27.96
N LEU B 147 -25.38 1.08 28.60
CA LEU B 147 -25.18 2.42 28.07
C LEU B 147 -24.32 2.39 26.81
N THR B 148 -23.26 1.57 26.82
CA THR B 148 -22.39 1.50 25.66
C THR B 148 -23.12 0.95 24.44
N ALA B 149 -24.00 -0.04 24.64
CA ALA B 149 -24.76 -0.59 23.54
C ALA B 149 -25.68 0.44 22.90
N LEU B 150 -26.28 1.30 23.71
CA LEU B 150 -27.12 2.36 23.16
C LEU B 150 -26.29 3.35 22.36
N MET B 151 -25.08 3.69 22.83
CA MET B 151 -24.22 4.59 22.08
C MET B 151 -23.78 3.96 20.76
N LEU B 152 -23.52 2.64 20.77
CA LEU B 152 -23.22 1.94 19.54
C LEU B 152 -24.39 1.96 18.56
N TYR B 153 -25.61 2.14 19.07
CA TYR B 153 -26.78 2.28 18.21
C TYR B 153 -26.93 3.71 17.71
N VAL B 154 -26.77 4.68 18.59
CA VAL B 154 -26.95 6.09 18.22
C VAL B 154 -25.87 6.52 17.24
N ILE B 155 -24.61 6.15 17.51
CA ILE B 155 -23.50 6.61 16.69
C ILE B 155 -23.56 6.08 15.27
N GLU B 156 -24.27 4.98 15.03
CA GLU B 156 -24.47 4.51 13.67
C GLU B 156 -25.51 5.36 12.94
N ASP B 157 -26.58 5.73 13.64
CA ASP B 157 -27.62 6.55 13.04
C ASP B 157 -27.17 8.00 12.85
N LEU B 158 -26.31 8.50 13.73
CA LEU B 158 -25.82 9.88 13.64
C LEU B 158 -24.95 10.05 12.40
N PRO C 172 -0.33 -25.37 7.23
CA PRO C 172 -0.28 -23.94 6.89
C PRO C 172 0.73 -23.17 7.73
N VAL C 173 0.80 -23.49 9.02
CA VAL C 173 1.74 -22.82 9.91
C VAL C 173 3.18 -23.11 9.51
N ARG C 174 3.47 -24.35 9.11
CA ARG C 174 4.82 -24.71 8.69
C ARG C 174 5.27 -23.89 7.49
N ARG C 175 4.33 -23.46 6.64
CA ARG C 175 4.68 -22.63 5.50
C ARG C 175 5.21 -21.27 5.94
N LEU C 176 4.73 -20.76 7.07
CA LEU C 176 5.21 -19.47 7.57
C LEU C 176 6.61 -19.59 8.16
N LEU C 177 6.78 -20.49 9.14
CA LEU C 177 8.05 -20.60 9.85
C LEU C 177 9.14 -21.23 8.99
N GLY C 178 8.80 -21.76 7.81
CA GLY C 178 9.81 -22.32 6.94
C GLY C 178 10.82 -21.31 6.45
N CYS C 179 10.41 -20.06 6.25
CA CYS C 179 11.34 -19.02 5.82
C CYS C 179 12.29 -18.62 6.95
N LEU C 180 11.79 -18.58 8.18
CA LEU C 180 12.63 -18.18 9.31
C LEU C 180 13.70 -19.21 9.60
N GLY C 181 13.51 -20.46 9.16
CA GLY C 181 14.44 -21.52 9.45
C GLY C 181 15.77 -21.42 8.73
N SER C 182 15.89 -20.43 7.84
CA SER C 182 17.15 -20.24 7.12
C SER C 182 18.21 -19.55 7.96
N GLU C 183 17.85 -18.97 9.10
CA GLU C 183 18.77 -18.23 9.97
C GLU C 183 18.60 -18.65 11.41
N THR C 184 18.58 -19.97 11.66
CA THR C 184 18.36 -20.46 13.02
C THR C 184 19.51 -20.13 13.95
N ARG C 185 20.71 -19.95 13.40
CA ARG C 185 21.89 -19.70 14.25
C ARG C 185 21.74 -18.39 15.02
N ARG C 186 21.25 -17.34 14.37
CA ARG C 186 21.07 -16.07 15.05
C ARG C 186 20.02 -16.17 16.16
N LEU C 187 18.91 -16.86 15.89
CA LEU C 187 17.87 -17.01 16.89
C LEU C 187 18.33 -17.85 18.07
N SER C 188 19.15 -18.89 17.82
CA SER C 188 19.68 -19.69 18.92
C SER C 188 20.55 -18.86 19.84
N LEU C 189 21.35 -17.95 19.29
CA LEU C 189 22.13 -17.04 20.13
C LEU C 189 21.21 -16.13 20.93
N PHE C 190 20.09 -15.71 20.34
CA PHE C 190 19.12 -14.92 21.08
C PHE C 190 18.48 -15.72 22.21
N LEU C 191 18.25 -17.01 21.98
CA LEU C 191 17.59 -17.84 22.97
C LEU C 191 18.45 -18.03 24.22
N VAL C 192 19.77 -18.17 24.04
CA VAL C 192 20.64 -18.39 25.20
C VAL C 192 20.80 -17.09 25.99
N LEU C 193 20.68 -15.94 25.33
CA LEU C 193 20.84 -14.67 26.04
C LEU C 193 19.63 -14.36 26.91
N VAL C 194 18.42 -14.62 26.40
CA VAL C 194 17.22 -14.30 27.17
C VAL C 194 17.11 -15.19 28.41
N VAL C 195 17.45 -16.47 28.27
CA VAL C 195 17.38 -17.37 29.41
C VAL C 195 18.42 -17.01 30.46
N LEU C 196 19.61 -16.57 30.01
CA LEU C 196 20.61 -16.08 30.96
C LEU C 196 20.15 -14.78 31.62
N SER C 197 19.54 -13.88 30.84
CA SER C 197 19.02 -12.65 31.41
C SER C 197 17.89 -12.93 32.39
N SER C 198 17.04 -13.93 32.08
CA SER C 198 15.96 -14.28 32.98
C SER C 198 16.50 -14.83 34.30
N LEU C 199 17.55 -15.64 34.25
CA LEU C 199 18.11 -16.21 35.48
C LEU C 199 18.65 -15.12 36.39
N GLY C 200 19.32 -14.11 35.82
CA GLY C 200 19.81 -13.01 36.63
C GLY C 200 18.70 -12.19 37.25
N GLU C 201 17.58 -12.05 36.54
CA GLU C 201 16.46 -11.26 37.06
C GLU C 201 15.76 -11.97 38.21
N MET C 202 15.55 -13.29 38.10
CA MET C 202 14.92 -14.03 39.18
C MET C 202 15.85 -14.25 40.36
N ALA C 203 17.14 -13.93 40.22
CA ALA C 203 18.08 -14.14 41.31
C ALA C 203 17.85 -13.17 42.46
N ILE C 204 17.34 -11.97 42.17
CA ILE C 204 17.14 -10.97 43.22
C ILE C 204 16.15 -11.45 44.29
N PRO C 205 14.95 -11.92 43.96
CA PRO C 205 14.05 -12.40 45.02
C PRO C 205 14.59 -13.62 45.75
N PHE C 206 15.38 -14.46 45.08
CA PHE C 206 15.80 -15.72 45.67
C PHE C 206 16.91 -15.51 46.70
N PHE C 207 17.77 -14.52 46.49
CA PHE C 207 18.99 -14.37 47.28
C PHE C 207 18.98 -13.17 48.22
N THR C 208 18.17 -12.16 47.92
CA THR C 208 18.25 -10.89 48.69
C THR C 208 17.13 -10.71 49.71
N GLY C 209 17.48 -10.28 50.92
CA GLY C 209 16.52 -9.96 51.96
C GLY C 209 16.04 -8.54 52.21
N ARG C 210 16.72 -7.57 51.60
CA ARG C 210 16.38 -6.13 51.79
C ARG C 210 15.98 -5.89 53.25
N LEU C 211 16.92 -6.10 54.18
CA LEU C 211 16.62 -5.93 55.63
C LEU C 211 17.92 -5.63 56.39
N THR C 212 17.80 -5.24 57.66
CA THR C 212 19.00 -4.96 58.50
C THR C 212 19.97 -4.08 57.71
N PHE C 224 23.28 -6.36 55.28
CA PHE C 224 22.53 -5.44 54.38
C PHE C 224 23.37 -5.12 53.15
N THR C 225 24.59 -4.58 53.36
CA THR C 225 25.46 -4.29 52.23
C THR C 225 25.53 -5.47 51.27
N ARG C 226 25.53 -6.70 51.79
CA ARG C 226 25.61 -7.88 50.93
C ARG C 226 24.50 -7.89 49.88
N ASN C 227 23.29 -7.53 50.28
CA ASN C 227 22.17 -7.50 49.34
C ASN C 227 22.35 -6.39 48.31
N LEU C 228 22.85 -5.23 48.75
CA LEU C 228 22.86 -4.05 47.88
C LEU C 228 23.82 -4.21 46.71
N THR C 229 25.04 -4.70 46.97
CA THR C 229 26.04 -4.77 45.91
C THR C 229 25.68 -5.82 44.86
N LEU C 230 25.29 -7.01 45.30
CA LEU C 230 24.99 -8.07 44.34
C LEU C 230 23.74 -7.73 43.53
N MET C 231 22.77 -7.05 44.15
CA MET C 231 21.57 -6.66 43.41
C MET C 231 21.87 -5.52 42.44
N SER C 232 22.86 -4.68 42.74
CA SER C 232 23.25 -3.63 41.81
C SER C 232 23.99 -4.22 40.61
N ILE C 233 24.89 -5.17 40.86
CA ILE C 233 25.65 -5.79 39.78
C ILE C 233 24.73 -6.61 38.89
N LEU C 234 23.83 -7.39 39.48
CA LEU C 234 22.92 -8.21 38.68
C LEU C 234 21.96 -7.36 37.87
N THR C 235 21.54 -6.21 38.40
CA THR C 235 20.67 -5.32 37.63
C THR C 235 21.37 -4.82 36.38
N ILE C 236 22.64 -4.44 36.51
CA ILE C 236 23.41 -4.00 35.34
C ILE C 236 23.59 -5.16 34.36
N ALA C 237 23.88 -6.35 34.87
CA ALA C 237 24.06 -7.51 34.01
C ALA C 237 22.78 -7.83 33.25
N SER C 238 21.63 -7.75 33.92
CA SER C 238 20.35 -7.98 33.24
C SER C 238 20.11 -6.94 32.16
N ALA C 239 20.40 -5.67 32.45
CA ALA C 239 20.21 -4.62 31.47
C ALA C 239 21.11 -4.78 30.27
N VAL C 240 22.37 -5.16 30.50
CA VAL C 240 23.32 -5.33 29.39
C VAL C 240 22.96 -6.54 28.55
N LEU C 241 22.60 -7.66 29.20
CA LEU C 241 22.30 -8.88 28.47
C LEU C 241 21.07 -8.72 27.59
N GLU C 242 20.04 -8.05 28.09
CA GLU C 242 18.83 -7.85 27.29
C GLU C 242 19.04 -6.81 26.19
N PHE C 243 19.99 -5.89 26.37
CA PHE C 243 20.31 -4.95 25.30
C PHE C 243 20.95 -5.67 24.12
N VAL C 244 21.89 -6.57 24.40
CA VAL C 244 22.54 -7.32 23.33
C VAL C 244 21.55 -8.26 22.66
N GLY C 245 20.70 -8.91 23.47
CA GLY C 245 19.73 -9.84 22.90
C GLY C 245 18.75 -9.15 21.96
N ASP C 246 18.29 -7.96 22.36
CA ASP C 246 17.35 -7.22 21.50
C ASP C 246 18.02 -6.75 20.22
N GLY C 247 19.30 -6.37 20.29
CA GLY C 247 20.00 -5.96 19.09
C GLY C 247 20.12 -7.06 18.07
N ILE C 248 20.42 -8.28 18.53
CA ILE C 248 20.51 -9.42 17.63
C ILE C 248 19.14 -9.75 17.04
N TYR C 249 18.09 -9.66 17.86
CA TYR C 249 16.74 -9.97 17.39
C TYR C 249 16.29 -8.98 16.32
N ASN C 250 16.45 -7.68 16.58
CA ASN C 250 16.03 -6.68 15.61
C ASN C 250 16.83 -6.77 14.32
N ASN C 251 18.13 -7.02 14.43
CA ASN C 251 18.96 -7.15 13.23
C ASN C 251 18.54 -8.35 12.40
N THR C 252 18.23 -9.48 13.04
CA THR C 252 17.82 -10.67 12.31
C THR C 252 16.47 -10.48 11.65
N MET C 253 15.53 -9.82 12.35
CA MET C 253 14.20 -9.61 11.78
C MET C 253 14.26 -8.71 10.54
N GLY C 254 15.18 -7.75 10.54
CA GLY C 254 15.34 -6.90 9.36
C GLY C 254 15.78 -7.68 8.13
N HIS C 255 16.66 -8.66 8.31
CA HIS C 255 17.09 -9.48 7.19
C HIS C 255 15.94 -10.34 6.66
N VAL C 256 15.14 -10.90 7.56
CA VAL C 256 14.01 -11.74 7.14
C VAL C 256 12.99 -10.92 6.36
N HIS C 257 12.70 -9.71 6.84
CA HIS C 257 11.72 -8.86 6.16
C HIS C 257 12.18 -8.49 4.76
N SER C 258 13.43 -8.03 4.63
CA SER C 258 13.94 -7.63 3.33
C SER C 258 14.07 -8.81 2.39
N HIS C 259 14.45 -9.98 2.91
CA HIS C 259 14.54 -11.18 2.07
C HIS C 259 13.17 -11.61 1.58
N LEU C 260 12.18 -11.66 2.49
CA LEU C 260 10.84 -12.09 2.11
C LEU C 260 10.22 -11.14 1.08
N GLN C 261 10.34 -9.84 1.32
CA GLN C 261 9.74 -8.87 0.40
C GLN C 261 10.42 -8.89 -0.96
N GLY C 262 11.74 -9.13 -0.99
CA GLY C 262 12.43 -9.21 -2.27
C GLY C 262 12.04 -10.43 -3.08
N GLU C 263 11.86 -11.58 -2.43
CA GLU C 263 11.53 -12.80 -3.15
C GLU C 263 10.09 -12.82 -3.63
N VAL C 264 9.19 -12.15 -2.91
CA VAL C 264 7.80 -12.06 -3.36
C VAL C 264 7.72 -11.27 -4.66
N PHE C 265 8.43 -10.15 -4.74
CA PHE C 265 8.44 -9.36 -5.97
C PHE C 265 9.09 -10.12 -7.11
N GLY C 266 10.18 -10.84 -6.82
CA GLY C 266 10.83 -11.62 -7.86
C GLY C 266 9.96 -12.72 -8.41
N ALA C 267 9.10 -13.31 -7.57
CA ALA C 267 8.20 -14.36 -8.04
C ALA C 267 7.06 -13.80 -8.89
N VAL C 268 6.67 -12.55 -8.64
CA VAL C 268 5.58 -11.95 -9.41
C VAL C 268 6.00 -11.78 -10.87
N LEU C 269 7.24 -11.33 -11.10
CA LEU C 269 7.71 -11.07 -12.45
C LEU C 269 7.94 -12.33 -13.26
N ARG C 270 7.93 -13.50 -12.63
CA ARG C 270 8.11 -14.75 -13.36
C ARG C 270 6.82 -15.28 -13.96
N GLN C 271 5.68 -14.70 -13.59
CA GLN C 271 4.39 -15.22 -14.04
C GLN C 271 4.15 -14.89 -15.51
N GLU C 272 3.15 -15.56 -16.09
CA GLU C 272 2.82 -15.37 -17.49
C GLU C 272 2.19 -14.01 -17.72
N THR C 273 2.05 -13.65 -19.00
CA THR C 273 1.48 -12.35 -19.34
C THR C 273 0.01 -12.26 -18.98
N GLU C 274 -0.70 -13.40 -18.98
CA GLU C 274 -2.10 -13.39 -18.60
C GLU C 274 -2.30 -13.10 -17.12
N PHE C 275 -1.28 -13.37 -16.30
CA PHE C 275 -1.38 -13.15 -14.87
C PHE C 275 -1.63 -11.67 -14.56
N PHE C 276 -1.09 -10.76 -15.36
CA PHE C 276 -1.23 -9.34 -15.11
C PHE C 276 -2.48 -8.74 -15.72
N GLN C 277 -3.27 -9.52 -16.46
CA GLN C 277 -4.62 -9.14 -16.84
C GLN C 277 -5.66 -9.62 -15.84
N GLN C 278 -5.45 -10.80 -15.26
CA GLN C 278 -6.33 -11.29 -14.21
C GLN C 278 -6.19 -10.46 -12.93
N ASN C 279 -4.99 -9.96 -12.66
CA ASN C 279 -4.71 -9.17 -11.47
C ASN C 279 -4.31 -7.76 -11.90
N GLN C 280 -4.98 -6.77 -11.33
CA GLN C 280 -4.70 -5.38 -11.67
C GLN C 280 -3.40 -4.93 -11.01
N THR C 281 -2.86 -3.82 -11.52
CA THR C 281 -1.56 -3.35 -11.03
C THR C 281 -1.67 -2.82 -9.60
N GLY C 282 -2.82 -2.25 -9.23
CA GLY C 282 -3.00 -1.79 -7.87
C GLY C 282 -3.22 -2.93 -6.89
N ASN C 283 -3.80 -4.03 -7.37
CA ASN C 283 -4.00 -5.19 -6.52
C ASN C 283 -2.68 -5.88 -6.22
N ILE C 284 -1.84 -6.07 -7.24
CA ILE C 284 -0.56 -6.76 -7.06
C ILE C 284 0.35 -5.95 -6.15
N MET C 285 0.43 -4.64 -6.38
CA MET C 285 1.33 -3.80 -5.59
C MET C 285 0.94 -3.76 -4.12
N SER C 286 -0.36 -3.84 -3.82
CA SER C 286 -0.78 -3.91 -2.43
C SER C 286 -0.31 -5.20 -1.78
N ARG C 287 -0.38 -6.31 -2.50
CA ARG C 287 0.08 -7.59 -1.95
C ARG C 287 1.57 -7.56 -1.65
N VAL C 288 2.36 -7.03 -2.58
CA VAL C 288 3.82 -7.06 -2.41
C VAL C 288 4.25 -6.10 -1.31
N THR C 289 3.66 -4.90 -1.28
CA THR C 289 4.15 -3.85 -0.39
C THR C 289 3.56 -3.94 1.02
N GLU C 290 2.27 -4.21 1.15
CA GLU C 290 1.59 -4.16 2.44
C GLU C 290 1.36 -5.52 3.07
N ASP C 291 0.95 -6.52 2.28
CA ASP C 291 0.70 -7.85 2.86
C ASP C 291 1.99 -8.46 3.41
N THR C 292 3.10 -8.32 2.68
CA THR C 292 4.36 -8.85 3.16
C THR C 292 4.84 -8.14 4.41
N SER C 293 4.68 -6.81 4.46
CA SER C 293 5.10 -6.05 5.63
C SER C 293 4.21 -6.30 6.83
N THR C 294 2.95 -6.65 6.62
CA THR C 294 2.07 -7.00 7.74
C THR C 294 2.47 -8.33 8.36
N LEU C 295 2.79 -9.31 7.53
CA LEU C 295 3.20 -10.62 8.04
C LEU C 295 4.48 -10.58 8.88
N SER C 296 5.50 -9.87 8.39
CA SER C 296 6.75 -9.76 9.15
C SER C 296 6.60 -8.92 10.41
N ASP C 297 5.74 -7.89 10.34
CA ASP C 297 5.47 -7.08 11.52
C ASP C 297 4.77 -7.95 12.56
N SER C 298 3.81 -8.76 12.12
CA SER C 298 3.12 -9.65 13.04
C SER C 298 4.07 -10.70 13.62
N LEU C 299 4.95 -11.24 12.79
CA LEU C 299 5.91 -12.23 13.25
C LEU C 299 6.90 -11.64 14.23
N SER C 300 7.28 -10.37 14.04
CA SER C 300 8.29 -9.75 14.89
C SER C 300 7.81 -9.62 16.33
N GLU C 301 6.58 -9.17 16.54
CA GLU C 301 6.11 -8.92 17.90
C GLU C 301 5.83 -10.23 18.65
N ASN C 302 5.21 -11.19 17.97
CA ASN C 302 4.74 -12.39 18.67
C ASN C 302 5.87 -13.35 19.02
N LEU C 303 6.91 -13.44 18.18
CA LEU C 303 7.96 -14.43 18.42
C LEU C 303 8.74 -14.13 19.69
N SER C 304 9.12 -12.86 19.90
CA SER C 304 9.86 -12.51 21.11
C SER C 304 9.01 -12.69 22.35
N LEU C 305 7.73 -12.31 22.28
CA LEU C 305 6.83 -12.49 23.41
C LEU C 305 6.62 -13.96 23.72
N PHE C 306 6.51 -14.80 22.68
CA PHE C 306 6.28 -16.22 22.89
C PHE C 306 7.46 -16.88 23.59
N LEU C 307 8.68 -16.55 23.18
CA LEU C 307 9.86 -17.16 23.79
C LEU C 307 10.02 -16.71 25.25
N TRP C 308 9.72 -15.44 25.53
CA TRP C 308 9.87 -14.94 26.90
C TRP C 308 8.94 -15.65 27.86
N TYR C 309 7.68 -15.83 27.47
CA TYR C 309 6.74 -16.50 28.36
C TYR C 309 6.96 -18.01 28.41
N LEU C 310 7.61 -18.57 27.39
CA LEU C 310 7.85 -20.00 27.37
C LEU C 310 8.88 -20.39 28.44
N VAL C 311 9.98 -19.66 28.51
CA VAL C 311 11.02 -19.98 29.50
C VAL C 311 10.57 -19.72 30.94
N ARG C 312 9.82 -18.64 31.18
CA ARG C 312 9.29 -18.39 32.51
C ARG C 312 8.22 -19.39 32.90
N GLY C 313 7.44 -19.85 31.92
CA GLY C 313 6.44 -20.87 32.19
C GLY C 313 7.12 -22.16 32.60
N LEU C 314 8.22 -22.51 31.92
CA LEU C 314 8.96 -23.70 32.29
C LEU C 314 9.57 -23.57 33.69
N CYS C 315 10.11 -22.40 34.02
CA CYS C 315 10.64 -22.18 35.36
C CYS C 315 9.53 -22.26 36.41
N LEU C 316 8.38 -21.66 36.12
CA LEU C 316 7.24 -21.77 37.03
C LEU C 316 6.77 -23.21 37.15
N LEU C 317 6.78 -23.95 36.05
CA LEU C 317 6.38 -25.36 36.10
C LEU C 317 7.33 -26.17 36.95
N GLY C 318 8.64 -25.92 36.83
CA GLY C 318 9.61 -26.67 37.62
C GLY C 318 9.44 -26.46 39.11
N ILE C 319 9.14 -25.23 39.52
CA ILE C 319 8.87 -24.96 40.93
C ILE C 319 7.61 -25.70 41.38
N MET C 320 6.59 -25.75 40.52
CA MET C 320 5.37 -26.47 40.85
C MET C 320 5.61 -27.97 41.01
N LEU C 321 6.54 -28.54 40.23
CA LEU C 321 6.87 -29.95 40.40
C LEU C 321 7.41 -30.24 41.80
N TRP C 322 8.19 -29.32 42.35
CA TRP C 322 8.69 -29.48 43.71
C TRP C 322 7.55 -29.47 44.71
N GLY C 323 6.55 -28.61 44.50
CA GLY C 323 5.45 -28.52 45.46
C GLY C 323 4.61 -29.78 45.51
N SER C 324 4.25 -30.32 44.35
CA SER C 324 3.40 -31.52 44.30
C SER C 324 3.51 -32.15 42.92
N VAL C 325 3.96 -33.40 42.88
CA VAL C 325 4.02 -34.12 41.61
C VAL C 325 2.62 -34.47 41.13
N SER C 326 1.74 -34.88 42.05
CA SER C 326 0.43 -35.37 41.67
C SER C 326 -0.44 -34.25 41.09
N LEU C 327 -0.47 -33.09 41.75
CA LEU C 327 -1.35 -32.01 41.31
C LEU C 327 -0.85 -31.37 40.02
N THR C 328 0.47 -31.36 39.79
CA THR C 328 0.99 -30.87 38.52
C THR C 328 0.53 -31.74 37.35
N MET C 329 0.54 -33.05 37.55
CA MET C 329 0.07 -33.96 36.50
C MET C 329 -1.41 -33.74 36.21
N VAL C 330 -2.20 -33.50 37.26
CA VAL C 330 -3.61 -33.17 37.08
C VAL C 330 -3.75 -31.87 36.29
N THR C 331 -2.95 -30.86 36.63
CA THR C 331 -2.97 -29.61 35.88
C THR C 331 -2.58 -29.82 34.42
N LEU C 332 -1.55 -30.64 34.19
CA LEU C 332 -1.11 -30.89 32.82
C LEU C 332 -2.10 -31.73 32.05
N ILE C 333 -2.80 -32.66 32.71
CA ILE C 333 -3.77 -33.51 32.03
C ILE C 333 -4.95 -32.68 31.54
N THR C 334 -5.45 -31.77 32.37
CA THR C 334 -6.62 -30.99 32.01
C THR C 334 -6.26 -29.80 31.13
N LEU C 335 -4.98 -29.48 30.98
CA LEU C 335 -4.57 -28.33 30.19
C LEU C 335 -4.97 -28.41 28.72
N PRO C 336 -4.84 -29.55 28.00
CA PRO C 336 -5.23 -29.58 26.58
C PRO C 336 -6.69 -29.26 26.34
N LEU C 337 -7.53 -29.42 27.37
CA LEU C 337 -8.95 -29.10 27.21
C LEU C 337 -9.15 -27.61 26.95
N LEU C 338 -8.26 -26.76 27.46
CA LEU C 338 -8.38 -25.32 27.23
C LEU C 338 -8.06 -24.93 25.79
N PHE C 339 -7.38 -25.80 25.04
CA PHE C 339 -7.02 -25.47 23.66
C PHE C 339 -8.24 -25.45 22.76
N LEU C 340 -9.32 -26.13 23.15
CA LEU C 340 -10.42 -26.39 22.22
C LEU C 340 -11.08 -25.10 21.74
N LEU C 341 -11.34 -24.17 22.65
CA LEU C 341 -12.13 -22.99 22.27
C LEU C 341 -11.31 -22.00 21.45
N PRO C 342 -10.07 -21.67 21.82
CA PRO C 342 -9.25 -20.85 20.90
C PRO C 342 -9.03 -21.50 19.55
N LYS C 343 -9.00 -22.84 19.50
CA LYS C 343 -8.89 -23.53 18.21
C LYS C 343 -10.10 -23.27 17.32
N LYS C 344 -11.27 -23.04 17.90
CA LYS C 344 -12.45 -22.72 17.10
C LYS C 344 -12.41 -21.27 16.61
N VAL C 345 -11.97 -20.35 17.47
CA VAL C 345 -11.89 -18.95 17.09
C VAL C 345 -10.82 -18.74 16.03
N GLY C 346 -9.79 -19.57 16.02
CA GLY C 346 -8.70 -19.40 15.07
C GLY C 346 -9.15 -19.44 13.62
N LYS C 347 -10.05 -20.36 13.29
CA LYS C 347 -10.57 -20.43 11.93
C LYS C 347 -11.42 -19.20 11.58
N TRP C 348 -12.06 -18.59 12.57
CA TRP C 348 -12.78 -17.34 12.32
C TRP C 348 -11.82 -16.24 11.92
N TYR C 349 -10.65 -16.18 12.57
CA TYR C 349 -9.68 -15.13 12.27
C TYR C 349 -9.10 -15.27 10.88
N GLN C 350 -8.93 -16.52 10.40
CA GLN C 350 -8.35 -16.74 9.09
C GLN C 350 -9.20 -16.13 7.99
N LEU C 351 -10.44 -16.61 7.85
CA LEU C 351 -11.31 -16.12 6.78
C LEU C 351 -11.65 -14.65 6.96
N LEU C 352 -11.71 -14.18 8.20
CA LEU C 352 -12.00 -12.76 8.43
C LEU C 352 -10.85 -11.88 7.94
N GLU C 353 -9.60 -12.32 8.15
CA GLU C 353 -8.46 -11.51 7.72
C GLU C 353 -8.29 -11.54 6.21
N VAL C 354 -8.61 -12.67 5.58
CA VAL C 354 -8.46 -12.79 4.13
C VAL C 354 -9.36 -11.78 3.42
N GLN C 355 -10.60 -11.64 3.89
CA GLN C 355 -11.52 -10.69 3.28
C GLN C 355 -11.07 -9.24 3.49
N VAL C 356 -10.47 -8.95 4.65
CA VAL C 356 -9.98 -7.60 4.90
C VAL C 356 -8.84 -7.26 3.94
N ARG C 357 -7.92 -8.20 3.74
CA ARG C 357 -6.76 -7.95 2.88
C ARG C 357 -7.19 -7.70 1.44
N GLU C 358 -8.11 -8.52 0.93
CA GLU C 358 -8.53 -8.35 -0.46
C GLU C 358 -9.40 -7.11 -0.65
N SER C 359 -10.10 -6.68 0.40
CA SER C 359 -10.88 -5.45 0.31
C SER C 359 -9.97 -4.23 0.24
N LEU C 360 -8.84 -4.24 0.97
CA LEU C 360 -7.87 -3.16 0.85
C LEU C 360 -7.22 -3.12 -0.52
N ALA C 361 -6.99 -4.30 -1.13
CA ALA C 361 -6.45 -4.33 -2.48
C ALA C 361 -7.40 -3.70 -3.48
N LYS C 362 -8.70 -3.96 -3.33
CA LYS C 362 -9.68 -3.39 -4.24
C LYS C 362 -9.67 -1.87 -4.14
N SER C 363 -9.61 -1.34 -2.93
CA SER C 363 -9.57 0.11 -2.75
C SER C 363 -8.30 0.72 -3.32
N SER C 364 -7.18 0.01 -3.20
CA SER C 364 -5.92 0.51 -3.75
C SER C 364 -5.99 0.62 -5.27
N GLN C 365 -6.61 -0.36 -5.93
CA GLN C 365 -6.74 -0.31 -7.38
C GLN C 365 -7.59 0.88 -7.81
N VAL C 366 -8.67 1.15 -7.08
CA VAL C 366 -9.52 2.29 -7.42
C VAL C 366 -8.75 3.59 -7.30
N ALA C 367 -7.93 3.73 -6.26
CA ALA C 367 -7.21 4.98 -6.03
C ALA C 367 -6.16 5.22 -7.12
N ILE C 368 -5.34 4.21 -7.41
CA ILE C 368 -4.22 4.43 -8.33
C ILE C 368 -4.70 4.55 -9.76
N GLU C 369 -5.83 3.93 -10.10
CA GLU C 369 -6.35 4.06 -11.45
C GLU C 369 -6.84 5.46 -11.73
N ALA C 370 -7.47 6.09 -10.73
CA ALA C 370 -7.94 7.46 -10.90
C ALA C 370 -6.78 8.46 -10.88
N LEU C 371 -5.81 8.26 -9.97
CA LEU C 371 -4.71 9.19 -9.86
C LEU C 371 -3.81 9.16 -11.08
N SER C 372 -3.76 8.04 -11.79
CA SER C 372 -2.95 7.92 -12.99
C SER C 372 -3.63 8.48 -14.22
N ALA C 373 -4.89 8.92 -14.10
CA ALA C 373 -5.62 9.49 -15.23
C ALA C 373 -6.40 10.74 -14.81
N MET C 374 -5.79 11.59 -14.00
CA MET C 374 -6.47 12.81 -13.55
C MET C 374 -6.91 13.73 -14.69
N PRO C 375 -6.12 13.99 -15.73
CA PRO C 375 -6.61 14.87 -16.80
C PRO C 375 -7.90 14.38 -17.45
N THR C 376 -8.11 13.07 -17.52
CA THR C 376 -9.37 12.55 -18.04
C THR C 376 -10.49 12.66 -17.01
N VAL C 377 -10.19 12.38 -15.75
CA VAL C 377 -11.19 12.50 -14.69
C VAL C 377 -11.64 13.95 -14.55
N ARG C 378 -10.68 14.88 -14.60
CA ARG C 378 -11.02 16.30 -14.54
C ARG C 378 -11.85 16.72 -15.75
N SER C 379 -11.51 16.19 -16.93
CA SER C 379 -12.18 16.62 -18.16
C SER C 379 -13.65 16.24 -18.17
N PHE C 380 -14.00 15.08 -17.62
CA PHE C 380 -15.38 14.60 -17.62
C PHE C 380 -16.10 14.89 -16.31
N ALA C 381 -15.49 15.66 -15.41
CA ALA C 381 -16.12 16.08 -14.16
C ALA C 381 -16.58 14.90 -13.32
N ASN C 382 -15.77 13.83 -13.28
CA ASN C 382 -16.10 12.64 -12.53
C ASN C 382 -15.35 12.54 -11.20
N GLU C 383 -14.96 13.68 -10.62
CA GLU C 383 -14.21 13.65 -9.37
C GLU C 383 -15.03 13.02 -8.26
N GLU C 384 -16.27 13.47 -8.07
CA GLU C 384 -17.13 12.89 -7.05
C GLU C 384 -17.64 11.50 -7.44
N GLY C 385 -17.55 11.14 -8.72
CA GLY C 385 -17.86 9.78 -9.13
C GLY C 385 -16.77 8.81 -8.74
N GLU C 386 -15.52 9.27 -8.81
CA GLU C 386 -14.40 8.44 -8.35
C GLU C 386 -14.40 8.32 -6.84
N ALA C 387 -14.69 9.42 -6.13
CA ALA C 387 -14.71 9.39 -4.67
C ALA C 387 -15.80 8.44 -4.17
N GLN C 388 -16.98 8.48 -4.79
CA GLN C 388 -18.04 7.56 -4.40
C GLN C 388 -17.66 6.12 -4.69
N LYS C 389 -17.03 5.87 -5.84
CA LYS C 389 -16.56 4.52 -6.15
C LYS C 389 -15.50 4.07 -5.17
N PHE C 390 -14.72 5.00 -4.62
CA PHE C 390 -13.74 4.65 -3.60
C PHE C 390 -14.41 4.32 -2.28
N ARG C 391 -15.48 5.06 -1.94
CA ARG C 391 -16.14 4.86 -0.65
C ARG C 391 -16.84 3.50 -0.58
N GLU C 392 -17.32 2.99 -1.71
CA GLU C 392 -17.96 1.67 -1.71
C GLU C 392 -17.00 0.57 -1.28
N LYS C 393 -15.70 0.75 -1.47
CA LYS C 393 -14.72 -0.22 -1.02
C LYS C 393 -14.41 -0.07 0.47
N LEU C 394 -14.41 1.16 0.99
CA LEU C 394 -14.19 1.36 2.42
C LEU C 394 -15.35 0.81 3.23
N GLN C 395 -16.57 0.87 2.69
CA GLN C 395 -17.73 0.34 3.40
C GLN C 395 -17.59 -1.16 3.63
N GLU C 396 -17.03 -1.89 2.66
CA GLU C 396 -16.80 -3.31 2.84
C GLU C 396 -15.80 -3.56 3.96
N ILE C 397 -14.75 -2.72 4.04
CA ILE C 397 -13.78 -2.84 5.12
C ILE C 397 -14.44 -2.53 6.47
N LYS C 398 -15.31 -1.53 6.49
CA LYS C 398 -15.98 -1.14 7.73
C LYS C 398 -16.83 -2.27 8.29
N THR C 399 -17.50 -3.01 7.41
CA THR C 399 -18.31 -4.14 7.86
C THR C 399 -17.44 -5.23 8.48
N LEU C 400 -16.26 -5.48 7.92
CA LEU C 400 -15.38 -6.50 8.48
C LEU C 400 -14.71 -6.02 9.76
N ASN C 401 -14.39 -4.73 9.85
CA ASN C 401 -13.76 -4.20 11.05
C ASN C 401 -14.68 -4.29 12.26
N GLN C 402 -15.99 -4.20 12.03
CA GLN C 402 -16.93 -4.36 13.14
C GLN C 402 -16.87 -5.77 13.71
N LYS C 403 -16.75 -6.79 12.85
CA LYS C 403 -16.67 -8.15 13.34
C LYS C 403 -15.32 -8.44 14.00
N GLU C 404 -14.26 -7.75 13.57
CA GLU C 404 -12.96 -7.92 14.21
C GLU C 404 -12.98 -7.44 15.66
N ALA C 405 -13.65 -6.30 15.90
CA ALA C 405 -13.74 -5.78 17.27
C ALA C 405 -14.49 -6.73 18.19
N VAL C 406 -15.58 -7.34 17.70
CA VAL C 406 -16.32 -8.28 18.50
C VAL C 406 -15.50 -9.55 18.76
N ALA C 407 -14.73 -9.98 17.75
CA ALA C 407 -13.93 -11.18 17.90
C ALA C 407 -12.87 -11.00 18.98
N TYR C 408 -12.27 -9.80 19.05
CA TYR C 408 -11.26 -9.54 20.07
C TYR C 408 -11.88 -9.66 21.47
N ALA C 409 -13.05 -9.04 21.67
CA ALA C 409 -13.69 -9.10 22.99
C ALA C 409 -14.08 -10.53 23.36
N VAL C 410 -14.58 -11.30 22.40
CA VAL C 410 -14.91 -12.70 22.68
C VAL C 410 -13.65 -13.49 23.05
N ASN C 411 -12.56 -13.27 22.31
CA ASN C 411 -11.31 -13.96 22.62
C ASN C 411 -10.77 -13.53 23.98
N SER C 412 -10.84 -12.23 24.28
CA SER C 412 -10.34 -11.76 25.56
C SER C 412 -11.18 -12.27 26.73
N TRP C 413 -12.48 -12.48 26.50
CA TRP C 413 -13.32 -13.01 27.56
C TRP C 413 -13.02 -14.48 27.83
N THR C 414 -12.85 -15.26 26.75
CA THR C 414 -12.71 -16.71 26.91
C THR C 414 -11.38 -17.09 27.56
N THR C 415 -10.28 -16.45 27.15
CA THR C 415 -8.98 -16.79 27.72
C THR C 415 -8.91 -16.48 29.20
N SER C 416 -9.46 -15.33 29.62
CA SER C 416 -9.41 -14.95 31.02
C SER C 416 -10.33 -15.83 31.86
N ILE C 417 -11.54 -16.08 31.37
CA ILE C 417 -12.49 -16.89 32.12
C ILE C 417 -12.02 -18.33 32.23
N SER C 418 -11.53 -18.90 31.12
CA SER C 418 -11.05 -20.28 31.16
C SER C 418 -9.85 -20.44 32.07
N GLY C 419 -8.94 -19.46 32.07
CA GLY C 419 -7.81 -19.52 32.99
C GLY C 419 -8.21 -19.49 34.44
N MET C 420 -9.27 -18.73 34.76
CA MET C 420 -9.77 -18.70 36.13
C MET C 420 -10.30 -20.06 36.56
N LEU C 421 -11.04 -20.73 35.68
CA LEU C 421 -11.61 -22.02 36.03
C LEU C 421 -10.53 -23.06 36.26
N LEU C 422 -9.43 -23.00 35.50
CA LEU C 422 -8.32 -23.92 35.73
C LEU C 422 -7.71 -23.72 37.11
N LYS C 423 -7.55 -22.47 37.53
CA LYS C 423 -7.01 -22.19 38.86
C LYS C 423 -7.99 -22.60 39.95
N VAL C 424 -9.28 -22.29 39.77
CA VAL C 424 -10.27 -22.58 40.79
C VAL C 424 -10.49 -24.08 40.91
N GLY C 425 -10.50 -24.80 39.79
CA GLY C 425 -10.69 -26.24 39.83
C GLY C 425 -9.62 -26.94 40.64
N ILE C 426 -8.36 -26.51 40.49
CA ILE C 426 -7.27 -27.10 41.27
C ILE C 426 -7.42 -26.75 42.75
N LEU C 427 -7.88 -25.53 43.06
CA LEU C 427 -8.09 -25.17 44.45
C LEU C 427 -9.15 -26.04 45.10
N TYR C 428 -10.22 -26.36 44.36
CA TYR C 428 -11.22 -27.28 44.88
C TYR C 428 -10.63 -28.65 45.17
N ILE C 429 -9.80 -29.15 44.26
CA ILE C 429 -9.11 -30.41 44.49
C ILE C 429 -8.17 -30.29 45.68
N GLY C 430 -7.43 -29.18 45.76
CA GLY C 430 -6.54 -28.98 46.89
C GLY C 430 -7.26 -28.93 48.21
N GLY C 431 -8.40 -28.23 48.24
CA GLY C 431 -9.20 -28.20 49.45
C GLY C 431 -9.77 -29.54 49.83
N GLN C 432 -10.14 -30.35 48.83
CA GLN C 432 -10.66 -31.69 49.08
C GLN C 432 -9.58 -32.66 49.56
N LEU C 433 -8.31 -32.27 49.47
CA LEU C 433 -7.21 -33.13 49.88
C LEU C 433 -6.69 -32.78 51.27
N VAL C 434 -7.39 -31.92 52.00
CA VAL C 434 -6.99 -31.54 53.34
C VAL C 434 -8.05 -31.97 54.34
N SER C 441 -0.05 -33.46 53.51
CA SER C 441 -0.47 -32.58 52.43
C SER C 441 -0.72 -31.17 52.93
N GLY C 442 -0.23 -30.87 54.14
CA GLY C 442 -0.38 -29.53 54.70
C GLY C 442 0.48 -28.49 54.01
N ASN C 443 1.42 -28.91 53.18
CA ASN C 443 2.33 -28.01 52.48
C ASN C 443 1.80 -27.56 51.13
N LEU C 444 0.49 -27.70 50.87
CA LEU C 444 -0.04 -27.36 49.56
C LEU C 444 0.16 -25.88 49.20
N VAL C 445 0.47 -25.05 50.20
CA VAL C 445 0.60 -23.61 49.98
C VAL C 445 1.69 -23.30 48.95
N THR C 446 2.84 -23.98 49.02
CA THR C 446 3.91 -23.67 48.08
C THR C 446 3.57 -24.06 46.65
N PHE C 447 2.69 -25.02 46.45
CA PHE C 447 2.25 -25.35 45.09
C PHE C 447 1.23 -24.35 44.60
N VAL C 448 0.33 -23.90 45.48
CA VAL C 448 -0.71 -22.96 45.08
C VAL C 448 -0.11 -21.61 44.73
N LEU C 449 0.84 -21.13 45.52
CA LEU C 449 1.40 -19.80 45.32
C LEU C 449 2.03 -19.63 43.93
N TYR C 450 2.46 -20.72 43.31
CA TYR C 450 3.01 -20.67 41.96
C TYR C 450 2.07 -21.20 40.90
N GLN C 451 1.07 -22.00 41.28
CA GLN C 451 0.02 -22.38 40.34
C GLN C 451 -0.76 -21.16 39.87
N MET C 452 -1.05 -20.23 40.80
CA MET C 452 -1.71 -18.99 40.43
C MET C 452 -0.88 -18.16 39.46
N GLN C 453 0.43 -18.37 39.42
CA GLN C 453 1.31 -17.71 38.46
C GLN C 453 1.41 -18.45 37.13
N PHE C 454 1.35 -19.79 37.16
CA PHE C 454 1.45 -20.55 35.93
C PHE C 454 0.27 -20.28 35.01
N THR C 455 -0.94 -20.12 35.58
CA THR C 455 -2.11 -19.85 34.76
C THR C 455 -2.03 -18.50 34.07
N GLN C 456 -1.32 -17.53 34.65
CA GLN C 456 -1.13 -16.25 33.97
C GLN C 456 -0.27 -16.38 32.73
N ALA C 457 0.72 -17.28 32.77
CA ALA C 457 1.51 -17.54 31.57
C ALA C 457 0.71 -18.28 30.52
N VAL C 458 -0.11 -19.24 30.93
CA VAL C 458 -0.96 -19.97 30.00
C VAL C 458 -1.98 -19.02 29.37
N GLU C 459 -2.51 -18.08 30.14
CA GLU C 459 -3.45 -17.11 29.61
C GLU C 459 -2.85 -16.30 28.47
N VAL C 460 -1.59 -15.89 28.64
CA VAL C 460 -0.90 -15.15 27.57
C VAL C 460 -0.67 -16.05 26.36
N LEU C 461 -0.26 -17.30 26.60
CA LEU C 461 0.01 -18.21 25.49
C LEU C 461 -1.24 -18.51 24.69
N LEU C 462 -2.38 -18.65 25.36
CA LEU C 462 -3.63 -18.91 24.64
C LEU C 462 -4.06 -17.73 23.77
N SER C 463 -3.58 -16.52 24.08
CA SER C 463 -3.89 -15.36 23.24
C SER C 463 -2.99 -15.28 22.01
N ILE C 464 -1.88 -16.00 22.00
CA ILE C 464 -0.99 -15.98 20.85
C ILE C 464 -1.57 -16.71 19.64
N TYR C 465 -2.28 -17.81 19.88
CA TYR C 465 -2.78 -18.63 18.79
C TYR C 465 -3.74 -17.89 17.86
N PRO C 466 -4.71 -17.11 18.35
CA PRO C 466 -5.57 -16.37 17.41
C PRO C 466 -4.82 -15.43 16.47
N ARG C 467 -3.77 -14.78 16.95
CA ARG C 467 -3.02 -13.87 16.09
C ARG C 467 -2.07 -14.62 15.16
N VAL C 468 -1.69 -15.85 15.53
CA VAL C 468 -0.90 -16.69 14.63
C VAL C 468 -1.79 -17.07 13.47
N GLN C 469 -3.05 -17.45 13.76
CA GLN C 469 -4.00 -17.74 12.70
C GLN C 469 -4.30 -16.52 11.84
N LYS C 470 -4.29 -15.33 12.46
CA LYS C 470 -4.49 -14.10 11.71
C LYS C 470 -3.37 -13.89 10.70
N ALA C 471 -2.13 -14.18 11.10
CA ALA C 471 -1.00 -14.04 10.19
C ALA C 471 -1.09 -15.02 9.03
N VAL C 472 -1.62 -16.22 9.29
CA VAL C 472 -1.80 -17.19 8.22
C VAL C 472 -2.77 -16.68 7.17
N GLY C 473 -3.90 -16.11 7.62
CA GLY C 473 -4.83 -15.52 6.68
C GLY C 473 -4.32 -14.23 6.04
N SER C 474 -3.44 -13.52 6.73
CA SER C 474 -2.89 -12.27 6.21
C SER C 474 -1.82 -12.49 5.15
N SER C 475 -1.50 -13.73 4.81
CA SER C 475 -0.45 -14.00 3.85
C SER C 475 -0.81 -15.09 2.85
N GLU C 476 -2.10 -15.36 2.62
CA GLU C 476 -2.49 -16.41 1.69
C GLU C 476 -2.07 -16.07 0.27
N LYS C 477 -2.25 -14.81 -0.14
CA LYS C 477 -1.98 -14.44 -1.53
C LYS C 477 -0.48 -14.43 -1.82
N ILE C 478 0.32 -13.88 -0.90
CA ILE C 478 1.75 -13.77 -1.16
C ILE C 478 2.41 -15.15 -1.22
N PHE C 479 1.93 -16.09 -0.41
CA PHE C 479 2.43 -17.45 -0.50
C PHE C 479 1.86 -18.18 -1.72
N GLU C 480 0.68 -17.76 -2.19
CA GLU C 480 0.16 -18.29 -3.44
C GLU C 480 1.05 -17.90 -4.62
N TYR C 481 1.53 -16.66 -4.62
CA TYR C 481 2.45 -16.21 -5.67
C TYR C 481 3.75 -17.01 -5.63
N LEU C 482 4.27 -17.26 -4.43
CA LEU C 482 5.61 -17.82 -4.28
C LEU C 482 5.69 -19.27 -4.75
N ASP C 483 4.58 -20.00 -4.79
CA ASP C 483 4.61 -21.41 -5.16
C ASP C 483 3.81 -21.67 -6.42
N ARG C 484 3.15 -20.68 -7.01
CA ARG C 484 2.44 -20.89 -8.27
C ARG C 484 3.41 -21.11 -9.43
N THR C 485 3.12 -22.10 -10.26
CA THR C 485 4.00 -22.40 -11.39
C THR C 485 3.49 -21.61 -12.59
N PRO C 486 4.33 -20.75 -13.18
CA PRO C 486 3.88 -19.97 -14.34
C PRO C 486 3.50 -20.74 -15.59
N ARG C 487 2.59 -20.14 -16.37
CA ARG C 487 2.12 -20.76 -17.59
C ARG C 487 3.12 -20.82 -18.79
N CYS C 488 4.14 -19.97 -18.72
CA CYS C 488 5.20 -19.98 -19.72
C CYS C 488 6.08 -21.22 -19.80
N PRO C 489 6.61 -21.51 -20.99
CA PRO C 489 7.66 -22.52 -21.11
C PRO C 489 8.96 -22.00 -20.55
N PRO C 490 9.83 -22.87 -20.04
CA PRO C 490 11.11 -22.40 -19.50
C PRO C 490 12.01 -21.84 -20.59
N SER C 491 12.83 -20.86 -20.22
CA SER C 491 13.76 -20.24 -21.20
C SER C 491 14.85 -21.26 -21.58
N GLY C 492 15.11 -21.42 -22.88
CA GLY C 492 16.12 -22.38 -23.36
C GLY C 492 17.52 -21.84 -23.22
N LEU C 493 18.52 -22.61 -23.66
CA LEU C 493 19.94 -22.18 -23.52
C LEU C 493 20.61 -22.21 -24.89
N LEU C 494 20.24 -21.29 -25.79
CA LEU C 494 20.88 -21.21 -27.13
C LEU C 494 21.33 -19.77 -27.36
N THR C 495 22.63 -19.57 -27.58
CA THR C 495 23.16 -18.24 -27.82
C THR C 495 24.14 -18.26 -28.99
N PRO C 496 23.68 -18.38 -30.23
CA PRO C 496 24.60 -18.42 -31.37
C PRO C 496 25.40 -17.13 -31.48
N LEU C 497 26.66 -17.27 -31.89
CA LEU C 497 27.53 -16.10 -32.05
C LEU C 497 27.02 -15.17 -33.15
N HIS C 498 26.59 -15.72 -34.28
CA HIS C 498 26.03 -14.94 -35.36
C HIS C 498 24.68 -15.53 -35.75
N LEU C 499 23.70 -14.65 -35.97
CA LEU C 499 22.33 -15.06 -36.23
C LEU C 499 21.80 -14.35 -37.47
N GLU C 500 21.09 -15.11 -38.30
CA GLU C 500 20.40 -14.55 -39.46
C GLU C 500 18.96 -14.24 -39.11
N GLY C 501 18.41 -13.20 -39.73
CA GLY C 501 17.07 -12.75 -39.44
C GLY C 501 15.97 -13.49 -40.18
N LEU C 502 16.15 -14.80 -40.39
CA LEU C 502 15.17 -15.60 -41.10
C LEU C 502 14.06 -15.99 -40.13
N VAL C 503 12.91 -15.33 -40.24
CA VAL C 503 11.73 -15.60 -39.42
C VAL C 503 10.64 -16.13 -40.34
N GLN C 504 10.05 -17.27 -39.96
CA GLN C 504 9.02 -17.88 -40.77
C GLN C 504 7.90 -18.41 -39.89
N PHE C 505 6.68 -17.96 -40.16
CA PHE C 505 5.48 -18.52 -39.54
C PHE C 505 5.02 -19.74 -40.35
N GLN C 506 4.53 -20.74 -39.64
CA GLN C 506 4.07 -21.99 -40.27
C GLN C 506 2.73 -22.37 -39.67
N ASP C 507 1.64 -22.03 -40.38
CA ASP C 507 0.28 -22.38 -39.97
C ASP C 507 -0.04 -21.89 -38.57
N VAL C 508 0.38 -20.67 -38.24
CA VAL C 508 0.21 -20.16 -36.88
C VAL C 508 -1.24 -19.75 -36.65
N SER C 509 -1.82 -20.23 -35.55
CA SER C 509 -3.12 -19.79 -35.09
C SER C 509 -3.02 -19.48 -33.60
N PHE C 510 -3.84 -18.54 -33.14
CA PHE C 510 -3.72 -18.07 -31.77
C PHE C 510 -5.08 -17.60 -31.26
N ALA C 511 -5.30 -17.78 -29.97
CA ALA C 511 -6.50 -17.29 -29.30
C ALA C 511 -6.12 -16.86 -27.88
N TYR C 512 -6.53 -15.66 -27.49
CA TYR C 512 -6.20 -15.14 -26.17
C TYR C 512 -6.85 -16.02 -25.10
N PRO C 513 -6.17 -16.27 -23.98
CA PRO C 513 -6.76 -17.13 -22.93
C PRO C 513 -8.03 -16.55 -22.31
N ASN C 514 -8.28 -15.24 -22.45
CA ASN C 514 -9.53 -14.68 -21.98
C ASN C 514 -10.71 -15.22 -22.78
N ARG C 515 -10.55 -15.38 -24.09
CA ARG C 515 -11.56 -15.99 -24.96
C ARG C 515 -10.89 -17.07 -25.78
N PRO C 516 -10.55 -18.20 -25.17
CA PRO C 516 -9.81 -19.24 -25.90
C PRO C 516 -10.60 -19.88 -27.03
N ASP C 517 -11.92 -19.77 -27.04
CA ASP C 517 -12.73 -20.38 -28.09
C ASP C 517 -12.85 -19.52 -29.34
N VAL C 518 -12.40 -18.26 -29.29
CA VAL C 518 -12.46 -17.37 -30.43
C VAL C 518 -11.04 -17.16 -30.93
N LEU C 519 -10.76 -17.60 -32.15
CA LEU C 519 -9.42 -17.51 -32.72
C LEU C 519 -9.21 -16.11 -33.29
N VAL C 520 -8.13 -15.46 -32.86
CA VAL C 520 -7.83 -14.13 -33.37
C VAL C 520 -7.00 -14.21 -34.65
N LEU C 521 -6.17 -15.24 -34.79
CA LEU C 521 -5.37 -15.47 -35.98
C LEU C 521 -5.67 -16.85 -36.54
N GLN C 522 -5.67 -16.98 -37.86
CA GLN C 522 -6.05 -18.21 -38.53
C GLN C 522 -5.05 -18.54 -39.63
N GLY C 523 -4.25 -19.57 -39.40
CA GLY C 523 -3.43 -20.14 -40.47
C GLY C 523 -2.48 -19.17 -41.12
N LEU C 524 -1.75 -18.40 -40.33
CA LEU C 524 -0.76 -17.49 -40.89
C LEU C 524 0.46 -18.27 -41.38
N THR C 525 0.94 -17.92 -42.57
CA THR C 525 2.12 -18.54 -43.15
C THR C 525 2.84 -17.50 -44.00
N PHE C 526 3.92 -16.94 -43.47
CA PHE C 526 4.72 -15.98 -44.20
C PHE C 526 6.13 -15.97 -43.61
N THR C 527 7.09 -15.48 -44.41
CA THR C 527 8.50 -15.56 -44.06
C THR C 527 9.15 -14.19 -44.19
N LEU C 528 10.01 -13.86 -43.23
CA LEU C 528 10.81 -12.65 -43.27
C LEU C 528 12.26 -13.03 -43.56
N ARG C 529 12.92 -12.27 -44.43
CA ARG C 529 14.28 -12.55 -44.81
C ARG C 529 15.16 -11.31 -44.63
N PRO C 530 16.44 -11.49 -44.35
CA PRO C 530 17.33 -10.33 -44.17
C PRO C 530 17.41 -9.48 -45.42
N GLY C 531 17.46 -8.16 -45.22
CA GLY C 531 17.56 -7.22 -46.32
C GLY C 531 16.26 -6.90 -47.00
N GLU C 532 15.14 -7.45 -46.55
CA GLU C 532 13.84 -7.21 -47.16
C GLU C 532 12.88 -6.66 -46.12
N VAL C 533 11.95 -5.81 -46.58
CA VAL C 533 10.96 -5.17 -45.72
C VAL C 533 9.59 -5.70 -46.10
N THR C 534 8.87 -6.22 -45.11
CA THR C 534 7.53 -6.76 -45.30
C THR C 534 6.51 -5.85 -44.62
N ALA C 535 5.48 -5.47 -45.36
CA ALA C 535 4.45 -4.56 -44.87
C ALA C 535 3.18 -5.36 -44.58
N LEU C 536 2.66 -5.21 -43.37
CA LEU C 536 1.43 -5.87 -42.95
C LEU C 536 0.34 -4.81 -42.82
N VAL C 537 -0.74 -4.98 -43.59
CA VAL C 537 -1.80 -4.00 -43.68
C VAL C 537 -3.13 -4.67 -43.41
N GLY C 538 -4.00 -3.98 -42.66
CA GLY C 538 -5.32 -4.48 -42.38
C GLY C 538 -6.18 -3.48 -41.64
N PRO C 539 -7.49 -3.73 -41.60
CA PRO C 539 -8.40 -2.83 -40.86
C PRO C 539 -8.16 -2.88 -39.36
N ASN C 540 -8.82 -1.98 -38.62
CA ASN C 540 -8.69 -1.98 -37.17
C ASN C 540 -9.26 -3.26 -36.58
N GLY C 541 -8.55 -3.83 -35.61
CA GLY C 541 -8.97 -5.06 -34.99
C GLY C 541 -8.76 -6.31 -35.80
N SER C 542 -7.93 -6.25 -36.84
CA SER C 542 -7.69 -7.41 -37.69
C SER C 542 -6.69 -8.39 -37.09
N GLY C 543 -5.96 -7.98 -36.06
CA GLY C 543 -4.99 -8.85 -35.40
C GLY C 543 -3.54 -8.54 -35.68
N LYS C 544 -3.20 -7.35 -36.20
CA LYS C 544 -1.81 -7.06 -36.54
C LYS C 544 -0.94 -6.95 -35.29
N SER C 545 -1.41 -6.23 -34.27
CA SER C 545 -0.63 -6.13 -33.04
C SER C 545 -0.51 -7.47 -32.33
N THR C 546 -1.47 -8.37 -32.55
CA THR C 546 -1.36 -9.72 -32.02
C THR C 546 -0.23 -10.49 -32.68
N VAL C 547 0.00 -10.26 -33.98
CA VAL C 547 1.13 -10.89 -34.66
C VAL C 547 2.44 -10.43 -34.05
N ALA C 548 2.56 -9.13 -33.77
CA ALA C 548 3.78 -8.61 -33.17
C ALA C 548 4.00 -9.17 -31.78
N ALA C 549 2.92 -9.39 -31.02
CA ALA C 549 3.06 -9.95 -29.67
C ALA C 549 3.63 -11.37 -29.72
N LEU C 550 3.19 -12.17 -30.69
CA LEU C 550 3.72 -13.53 -30.81
C LEU C 550 5.20 -13.52 -31.15
N LEU C 551 5.61 -12.61 -32.04
CA LEU C 551 7.00 -12.57 -32.46
C LEU C 551 7.92 -12.15 -31.33
N GLN C 552 7.45 -11.30 -30.41
CA GLN C 552 8.21 -10.91 -29.24
C GLN C 552 8.14 -11.95 -28.13
N ASN C 553 7.54 -13.11 -28.39
CA ASN C 553 7.45 -14.21 -27.45
C ASN C 553 6.70 -13.83 -26.17
N LEU C 554 5.70 -12.95 -26.30
CA LEU C 554 4.83 -12.64 -25.17
C LEU C 554 3.74 -13.69 -24.99
N TYR C 555 3.37 -14.40 -26.06
CA TYR C 555 2.37 -15.44 -25.99
C TYR C 555 2.80 -16.61 -26.87
N GLN C 556 2.24 -17.78 -26.59
CA GLN C 556 2.55 -18.96 -27.38
C GLN C 556 1.40 -19.30 -28.32
N PRO C 557 1.70 -19.63 -29.57
CA PRO C 557 0.63 -20.00 -30.51
C PRO C 557 -0.09 -21.26 -30.06
N THR C 558 -1.39 -21.30 -30.33
CA THR C 558 -2.18 -22.49 -30.06
C THR C 558 -2.16 -23.49 -31.21
N GLY C 559 -1.48 -23.16 -32.30
CA GLY C 559 -1.36 -24.07 -33.43
C GLY C 559 -0.21 -23.65 -34.31
N GLY C 560 0.33 -24.64 -35.03
CA GLY C 560 1.47 -24.37 -35.87
C GLY C 560 2.71 -24.12 -35.04
N GLN C 561 3.70 -23.48 -35.67
CA GLN C 561 4.95 -23.17 -35.00
C GLN C 561 5.55 -21.90 -35.59
N LEU C 562 6.36 -21.23 -34.78
CA LEU C 562 7.06 -20.01 -35.18
C LEU C 562 8.54 -20.20 -34.91
N LEU C 563 9.37 -19.95 -35.92
CA LEU C 563 10.80 -20.24 -35.86
C LEU C 563 11.62 -19.00 -36.16
N LEU C 564 12.71 -18.83 -35.42
CA LEU C 564 13.71 -17.81 -35.69
C LEU C 564 15.02 -18.50 -36.02
N ASP C 565 15.48 -18.34 -37.26
CA ASP C 565 16.72 -18.96 -37.73
C ASP C 565 16.68 -20.48 -37.55
N GLY C 566 15.51 -21.06 -37.81
CA GLY C 566 15.34 -22.50 -37.77
C GLY C 566 15.07 -23.10 -36.40
N LYS C 567 15.01 -22.28 -35.35
CA LYS C 567 14.77 -22.80 -34.02
C LYS C 567 13.57 -22.12 -33.38
N PRO C 568 12.80 -22.82 -32.56
CA PRO C 568 11.69 -22.18 -31.85
C PRO C 568 12.18 -21.10 -30.90
N LEU C 569 11.34 -20.09 -30.70
CA LEU C 569 11.69 -19.00 -29.80
C LEU C 569 12.02 -19.44 -28.38
N PRO C 570 11.29 -20.35 -27.73
CA PRO C 570 11.64 -20.72 -26.36
C PRO C 570 13.01 -21.34 -26.21
N GLN C 571 13.61 -21.85 -27.29
CA GLN C 571 14.92 -22.47 -27.18
C GLN C 571 16.05 -21.47 -26.99
N TYR C 572 15.80 -20.19 -27.23
CA TYR C 572 16.84 -19.17 -27.07
C TYR C 572 16.85 -18.62 -25.65
N GLU C 573 18.02 -18.15 -25.22
CA GLU C 573 18.15 -17.54 -23.91
C GLU C 573 17.34 -16.26 -23.85
N HIS C 574 16.77 -15.98 -22.68
CA HIS C 574 15.81 -14.89 -22.54
C HIS C 574 16.42 -13.54 -22.90
N ARG C 575 17.56 -13.21 -22.28
CA ARG C 575 18.21 -11.94 -22.58
C ARG C 575 18.75 -11.91 -24.00
N TYR C 576 19.25 -13.05 -24.49
CA TYR C 576 19.78 -13.11 -25.85
C TYR C 576 18.69 -12.86 -26.88
N LEU C 577 17.51 -13.47 -26.67
CA LEU C 577 16.44 -13.36 -27.65
C LEU C 577 15.97 -11.92 -27.81
N HIS C 578 15.84 -11.19 -26.70
CA HIS C 578 15.33 -9.84 -26.75
C HIS C 578 16.39 -8.82 -27.15
N ARG C 579 17.61 -9.26 -27.43
CA ARG C 579 18.59 -8.40 -28.08
C ARG C 579 18.52 -8.51 -29.59
N GLN C 580 18.26 -9.71 -30.10
CA GLN C 580 18.15 -9.92 -31.54
C GLN C 580 16.83 -9.40 -32.08
N VAL C 581 15.76 -9.50 -31.30
CA VAL C 581 14.44 -9.07 -31.71
C VAL C 581 14.07 -7.83 -30.91
N ALA C 582 13.76 -6.74 -31.62
CA ALA C 582 13.36 -5.49 -31.00
C ALA C 582 12.11 -4.98 -31.70
N ALA C 583 11.32 -4.18 -30.98
CA ALA C 583 10.05 -3.73 -31.51
C ALA C 583 9.71 -2.36 -30.95
N VAL C 584 8.86 -1.64 -31.68
CA VAL C 584 8.29 -0.38 -31.22
C VAL C 584 6.79 -0.59 -31.10
N GLY C 585 6.25 -0.36 -29.91
CA GLY C 585 4.85 -0.64 -29.66
C GLY C 585 3.93 0.38 -30.31
N GLN C 586 2.64 0.04 -30.34
CA GLN C 586 1.66 0.95 -30.90
C GLN C 586 1.56 2.24 -30.09
N GLU C 587 1.72 2.14 -28.77
CA GLU C 587 1.90 3.31 -27.92
C GLU C 587 3.03 2.98 -26.94
N PRO C 588 4.26 3.37 -27.26
CA PRO C 588 5.40 2.96 -26.44
C PRO C 588 5.32 3.54 -25.03
N GLN C 589 5.70 2.73 -24.05
CA GLN C 589 5.81 3.21 -22.68
C GLN C 589 7.20 3.80 -22.45
N VAL C 590 7.23 4.89 -21.68
CA VAL C 590 8.48 5.57 -21.35
C VAL C 590 8.58 5.67 -19.83
N PHE C 591 9.66 5.15 -19.27
CA PHE C 591 9.84 5.09 -17.83
C PHE C 591 10.33 6.43 -17.30
N GLY C 592 10.07 6.68 -16.02
CA GLY C 592 10.40 7.94 -15.40
C GLY C 592 11.85 8.07 -14.97
N ARG C 593 12.74 8.28 -15.94
CA ARG C 593 14.16 8.49 -15.67
C ARG C 593 14.74 9.33 -16.79
N SER C 594 16.06 9.42 -16.85
CA SER C 594 16.72 10.24 -17.85
C SER C 594 16.57 9.63 -19.24
N LEU C 595 16.73 10.49 -20.26
CA LEU C 595 16.57 10.03 -21.64
C LEU C 595 17.65 9.02 -22.01
N GLN C 596 18.88 9.22 -21.55
CA GLN C 596 19.95 8.28 -21.87
C GLN C 596 19.69 6.92 -21.25
N GLU C 597 19.06 6.88 -20.08
CA GLU C 597 18.70 5.60 -19.48
C GLU C 597 17.54 4.95 -20.20
N ASN C 598 16.63 5.74 -20.77
CA ASN C 598 15.51 5.18 -21.52
C ASN C 598 15.99 4.56 -22.82
N ILE C 599 16.90 5.25 -23.53
CA ILE C 599 17.41 4.71 -24.78
C ILE C 599 18.22 3.44 -24.54
N ALA C 600 19.07 3.45 -23.51
CA ALA C 600 19.89 2.30 -23.19
C ALA C 600 19.23 1.36 -22.18
N TYR C 601 17.90 1.35 -22.13
CA TYR C 601 17.20 0.53 -21.16
C TYR C 601 17.39 -0.95 -21.44
N GLY C 602 17.67 -1.72 -20.39
CA GLY C 602 17.73 -3.17 -20.49
C GLY C 602 19.02 -3.74 -21.01
N LEU C 603 20.01 -2.93 -21.36
CA LEU C 603 21.26 -3.45 -21.87
C LEU C 603 22.13 -3.96 -20.72
N THR C 604 22.92 -5.00 -21.01
CA THR C 604 23.70 -5.65 -19.96
C THR C 604 24.77 -4.73 -19.37
N GLN C 605 25.43 -3.94 -20.20
CA GLN C 605 26.43 -3.00 -19.73
C GLN C 605 26.16 -1.63 -20.32
N LYS C 606 26.51 -0.59 -19.58
CA LYS C 606 26.20 0.78 -19.97
C LYS C 606 26.98 1.17 -21.22
N PRO C 607 26.30 1.56 -22.30
CA PRO C 607 27.02 2.04 -23.48
C PRO C 607 27.59 3.44 -23.26
N THR C 608 28.59 3.76 -24.07
CA THR C 608 29.16 5.11 -24.06
C THR C 608 28.21 6.08 -24.75
N MET C 609 28.40 7.38 -24.46
CA MET C 609 27.58 8.40 -25.07
C MET C 609 27.72 8.43 -26.59
N GLU C 610 28.86 7.98 -27.12
CA GLU C 610 29.02 7.92 -28.56
C GLU C 610 28.03 6.97 -29.21
N GLU C 611 27.75 5.84 -28.56
CA GLU C 611 26.76 4.90 -29.10
C GLU C 611 25.34 5.45 -28.97
N ILE C 612 25.02 6.06 -27.84
CA ILE C 612 23.68 6.61 -27.64
C ILE C 612 23.40 7.72 -28.64
N THR C 613 24.37 8.61 -28.85
CA THR C 613 24.20 9.70 -29.80
C THR C 613 23.99 9.16 -31.22
N ALA C 614 24.73 8.12 -31.59
CA ALA C 614 24.55 7.54 -32.92
C ALA C 614 23.16 6.96 -33.09
N ALA C 615 22.65 6.28 -32.07
CA ALA C 615 21.30 5.73 -32.14
C ALA C 615 20.26 6.83 -32.22
N ALA C 616 20.43 7.90 -31.45
CA ALA C 616 19.49 9.02 -31.51
C ALA C 616 19.52 9.71 -32.86
N VAL C 617 20.71 9.84 -33.46
CA VAL C 617 20.82 10.43 -34.79
C VAL C 617 20.12 9.56 -35.82
N LYS C 618 20.31 8.24 -35.73
CA LYS C 618 19.74 7.33 -36.71
C LYS C 618 18.22 7.33 -36.66
N SER C 619 17.63 7.52 -35.49
CA SER C 619 16.18 7.56 -35.35
C SER C 619 15.59 8.95 -35.53
N GLY C 620 16.44 9.97 -35.66
CA GLY C 620 15.97 11.34 -35.80
C GLY C 620 15.66 12.04 -34.50
N ALA C 621 15.81 11.37 -33.36
CA ALA C 621 15.50 12.01 -32.08
C ALA C 621 16.55 13.04 -31.70
N HIS C 622 17.74 12.97 -32.29
CA HIS C 622 18.80 13.91 -31.94
C HIS C 622 18.43 15.34 -32.31
N SER C 623 17.51 15.51 -33.26
CA SER C 623 17.12 16.85 -33.69
C SER C 623 16.45 17.64 -32.56
N PHE C 624 15.75 16.95 -31.67
CA PHE C 624 15.02 17.62 -30.60
C PHE C 624 15.59 17.36 -29.22
N ILE C 625 16.25 16.21 -29.01
CA ILE C 625 16.84 15.92 -27.71
C ILE C 625 17.93 16.93 -27.38
N SER C 626 18.76 17.29 -28.36
CA SER C 626 19.83 18.26 -28.13
C SER C 626 19.29 19.64 -27.78
N GLY C 627 18.05 19.95 -28.13
CA GLY C 627 17.46 21.23 -27.81
C GLY C 627 16.90 21.35 -26.41
N LEU C 628 16.82 20.25 -25.67
CA LEU C 628 16.34 20.31 -24.30
C LEU C 628 17.36 21.02 -23.41
N PRO C 629 16.90 21.70 -22.35
CA PRO C 629 17.83 22.44 -21.49
C PRO C 629 18.89 21.56 -20.85
N GLN C 630 18.56 20.32 -20.49
CA GLN C 630 19.51 19.40 -19.89
C GLN C 630 19.95 18.31 -20.85
N GLY C 631 19.51 18.37 -22.11
CA GLY C 631 19.93 17.39 -23.10
C GLY C 631 19.51 15.99 -22.72
N TYR C 632 20.44 15.04 -22.88
CA TYR C 632 20.15 13.64 -22.60
C TYR C 632 19.96 13.36 -21.12
N ASP C 633 20.33 14.32 -20.25
CA ASP C 633 20.17 14.15 -18.81
C ASP C 633 18.80 14.57 -18.31
N THR C 634 17.91 15.00 -19.19
CA THR C 634 16.59 15.47 -18.78
C THR C 634 15.76 14.32 -18.22
N GLU C 635 15.18 14.53 -17.04
CA GLU C 635 14.29 13.55 -16.44
C GLU C 635 12.90 13.68 -17.04
N VAL C 636 12.35 12.58 -17.53
CA VAL C 636 11.01 12.58 -18.09
C VAL C 636 10.04 12.10 -17.04
N ASP C 637 8.78 12.51 -17.16
CA ASP C 637 7.76 12.20 -16.17
C ASP C 637 7.20 10.80 -16.40
N GLU C 638 6.15 10.47 -15.66
CA GLU C 638 5.54 9.15 -15.74
C GLU C 638 4.93 8.92 -17.12
N ALA C 639 5.19 7.75 -17.69
CA ALA C 639 4.64 7.33 -18.98
C ALA C 639 5.01 8.27 -20.11
N GLY C 640 6.10 9.03 -19.95
CA GLY C 640 6.51 9.98 -20.96
C GLY C 640 5.53 11.10 -21.22
N SER C 641 4.88 11.60 -20.17
CA SER C 641 3.90 12.67 -20.34
C SER C 641 4.54 13.99 -20.76
N GLN C 642 5.84 14.17 -20.54
CA GLN C 642 6.51 15.42 -20.87
C GLN C 642 6.78 15.57 -22.36
N LEU C 643 6.96 14.46 -23.08
CA LEU C 643 7.27 14.52 -24.50
C LEU C 643 6.02 14.81 -25.32
N SER C 644 6.22 15.38 -26.51
CA SER C 644 5.12 15.64 -27.41
C SER C 644 4.58 14.34 -27.99
N GLY C 645 3.47 14.46 -28.73
CA GLY C 645 2.80 13.28 -29.24
C GLY C 645 3.67 12.46 -30.19
N GLY C 646 4.31 13.14 -31.15
CA GLY C 646 5.12 12.45 -32.14
C GLY C 646 6.54 12.17 -31.73
N GLN C 647 7.04 12.84 -30.69
CA GLN C 647 8.42 12.64 -30.27
C GLN C 647 8.61 11.33 -29.53
N ARG C 648 7.53 10.77 -28.96
CA ARG C 648 7.66 9.55 -28.17
C ARG C 648 8.03 8.36 -29.05
N GLN C 649 7.52 8.33 -30.28
CA GLN C 649 7.88 7.24 -31.19
C GLN C 649 9.34 7.34 -31.62
N ALA C 650 9.88 8.55 -31.74
CA ALA C 650 11.28 8.72 -32.10
C ALA C 650 12.22 8.23 -31.01
N VAL C 651 11.88 8.48 -29.74
CA VAL C 651 12.71 7.98 -28.65
C VAL C 651 12.63 6.47 -28.56
N ALA C 652 11.44 5.91 -28.78
CA ALA C 652 11.28 4.45 -28.75
C ALA C 652 12.03 3.79 -29.90
N LEU C 653 12.09 4.45 -31.06
CA LEU C 653 12.84 3.89 -32.18
C LEU C 653 14.33 3.83 -31.87
N ALA C 654 14.86 4.86 -31.21
CA ALA C 654 16.26 4.85 -30.81
C ALA C 654 16.54 3.71 -29.83
N ARG C 655 15.61 3.44 -28.92
CA ARG C 655 15.78 2.35 -27.96
C ARG C 655 15.90 1.00 -28.65
N ALA C 656 15.15 0.79 -29.74
CA ALA C 656 15.21 -0.48 -30.45
C ALA C 656 16.47 -0.58 -31.31
N LEU C 657 16.94 0.54 -31.86
CA LEU C 657 18.08 0.50 -32.76
C LEU C 657 19.38 0.19 -32.03
N ILE C 658 19.51 0.66 -30.79
CA ILE C 658 20.76 0.51 -30.05
C ILE C 658 21.12 -0.94 -29.78
N ARG C 659 20.13 -1.85 -29.85
CA ARG C 659 20.42 -3.26 -29.64
C ARG C 659 21.27 -3.85 -30.75
N LYS C 660 21.42 -3.15 -31.86
CA LYS C 660 21.87 -3.74 -33.12
C LYS C 660 21.01 -4.97 -33.43
N PRO C 661 19.70 -4.82 -33.52
CA PRO C 661 18.82 -5.98 -33.60
C PRO C 661 18.90 -6.67 -34.95
N CYS C 662 18.50 -7.94 -34.96
CA CYS C 662 18.43 -8.72 -36.19
C CYS C 662 17.04 -8.70 -36.80
N VAL C 663 16.00 -8.56 -35.99
CA VAL C 663 14.62 -8.41 -36.46
C VAL C 663 14.06 -7.15 -35.83
N LEU C 664 13.51 -6.26 -36.65
CA LEU C 664 12.98 -4.99 -36.20
C LEU C 664 11.50 -4.93 -36.54
N ILE C 665 10.67 -4.57 -35.54
CA ILE C 665 9.22 -4.50 -35.70
C ILE C 665 8.79 -3.05 -35.48
N LEU C 666 8.00 -2.53 -36.43
CA LEU C 666 7.52 -1.15 -36.38
C LEU C 666 5.99 -1.20 -36.37
N ASP C 667 5.40 -1.08 -35.19
CA ASP C 667 3.95 -1.16 -35.00
C ASP C 667 3.38 0.25 -34.96
N ASP C 668 2.86 0.72 -36.10
CA ASP C 668 2.19 2.01 -36.21
C ASP C 668 3.06 3.18 -35.79
N ALA C 669 4.38 3.05 -35.96
CA ALA C 669 5.31 4.06 -35.44
C ALA C 669 5.43 5.28 -36.33
N THR C 670 5.32 5.13 -37.64
CA THR C 670 5.69 6.17 -38.58
C THR C 670 4.59 7.20 -38.83
N SER C 671 3.43 7.06 -38.19
CA SER C 671 2.32 7.95 -38.49
C SER C 671 2.59 9.37 -38.00
N ALA C 672 3.03 9.51 -36.75
CA ALA C 672 3.13 10.83 -36.12
C ALA C 672 4.50 11.47 -36.29
N LEU C 673 5.45 10.81 -36.96
CA LEU C 673 6.79 11.35 -37.08
C LEU C 673 6.91 12.58 -37.97
N ASP C 674 7.91 13.41 -37.68
CA ASP C 674 8.18 14.60 -38.47
C ASP C 674 8.71 14.29 -39.86
N ALA C 675 8.82 15.32 -40.70
CA ALA C 675 9.30 15.14 -42.06
C ALA C 675 10.76 14.73 -41.95
N ASN C 676 11.51 15.33 -41.04
CA ASN C 676 12.91 14.97 -40.87
C ASN C 676 13.02 13.52 -40.39
N SER C 677 12.21 13.14 -39.40
CA SER C 677 12.24 11.76 -38.89
C SER C 677 11.77 10.78 -39.96
N GLN C 678 10.75 11.15 -40.72
CA GLN C 678 10.24 10.24 -41.75
C GLN C 678 11.30 9.97 -42.82
N LEU C 679 12.09 10.99 -43.17
CA LEU C 679 13.19 10.78 -44.11
C LEU C 679 14.21 9.82 -43.54
N GLN C 680 14.51 9.95 -42.24
CA GLN C 680 15.45 9.03 -41.59
C GLN C 680 14.90 7.61 -41.57
N VAL C 681 13.60 7.46 -41.29
CA VAL C 681 13.01 6.13 -41.20
C VAL C 681 13.06 5.42 -42.55
N GLU C 682 12.63 6.10 -43.62
CA GLU C 682 12.67 5.48 -44.94
C GLU C 682 14.10 5.34 -45.44
N GLN C 683 15.03 6.12 -44.90
CA GLN C 683 16.44 5.92 -45.22
C GLN C 683 16.97 4.63 -44.61
N LEU C 684 16.66 4.40 -43.32
CA LEU C 684 17.10 3.18 -42.65
C LEU C 684 16.34 1.95 -43.13
N LEU C 685 15.14 2.13 -43.70
CA LEU C 685 14.38 0.99 -44.17
C LEU C 685 14.83 0.54 -45.56
N TYR C 686 15.09 1.49 -46.46
CA TYR C 686 15.29 1.18 -47.86
C TYR C 686 16.63 1.62 -48.43
N GLU C 687 17.43 2.40 -47.71
CA GLU C 687 18.63 2.99 -48.29
C GLU C 687 19.90 2.63 -47.52
N SER C 688 19.84 2.57 -46.20
CA SER C 688 21.05 2.47 -45.39
C SER C 688 21.79 1.16 -45.70
N PRO C 689 23.12 1.17 -45.71
CA PRO C 689 23.86 -0.08 -45.97
C PRO C 689 23.65 -1.14 -44.91
N GLU C 690 23.23 -0.76 -43.70
CA GLU C 690 23.02 -1.73 -42.62
C GLU C 690 21.74 -2.52 -42.79
N ARG C 691 21.05 -2.39 -43.93
CA ARG C 691 19.81 -3.12 -44.15
C ARG C 691 20.01 -4.62 -44.14
N TYR C 692 21.09 -5.10 -44.76
CA TYR C 692 21.28 -6.53 -44.98
C TYR C 692 21.48 -7.30 -43.68
N SER C 693 21.72 -6.62 -42.57
CA SER C 693 21.79 -7.29 -41.27
C SER C 693 20.43 -7.40 -40.60
N ARG C 694 19.38 -6.88 -41.20
CA ARG C 694 18.07 -6.80 -40.57
C ARG C 694 16.98 -7.38 -41.47
N SER C 695 15.94 -7.90 -40.82
CA SER C 695 14.67 -8.18 -41.47
C SER C 695 13.58 -7.40 -40.73
N VAL C 696 12.74 -6.70 -41.49
CA VAL C 696 11.84 -5.70 -40.93
C VAL C 696 10.39 -6.13 -41.17
N LEU C 697 9.58 -6.06 -40.13
CA LEU C 697 8.13 -6.24 -40.24
C LEU C 697 7.48 -4.89 -39.98
N LEU C 698 6.84 -4.34 -41.00
CA LEU C 698 6.24 -3.01 -40.93
C LEU C 698 4.73 -3.16 -40.85
N ILE C 699 4.13 -2.65 -39.78
CA ILE C 699 2.70 -2.75 -39.53
C ILE C 699 2.11 -1.35 -39.54
N THR C 700 1.15 -1.12 -40.43
CA THR C 700 0.48 0.17 -40.53
C THR C 700 -0.84 -0.02 -41.27
N GLN C 701 -1.92 0.49 -40.71
CA GLN C 701 -3.23 0.44 -41.37
C GLN C 701 -3.42 1.59 -42.37
N HIS C 702 -2.34 2.24 -42.77
CA HIS C 702 -2.38 3.27 -43.80
C HIS C 702 -1.29 3.01 -44.82
N LEU C 703 -1.52 3.46 -46.05
CA LEU C 703 -0.65 3.28 -47.22
C LEU C 703 0.56 4.21 -47.22
N SER C 704 0.84 4.89 -46.11
CA SER C 704 1.83 5.97 -46.10
C SER C 704 3.20 5.50 -46.57
N LEU C 705 3.63 4.31 -46.20
CA LEU C 705 5.00 3.88 -46.48
C LEU C 705 5.11 2.47 -47.03
N VAL C 706 4.00 1.82 -47.40
CA VAL C 706 4.05 0.42 -47.83
C VAL C 706 4.30 0.26 -49.32
N GLU C 707 4.39 1.34 -50.09
CA GLU C 707 4.58 1.22 -51.53
C GLU C 707 5.96 0.64 -51.85
N GLN C 708 6.99 1.04 -51.11
CA GLN C 708 8.35 0.59 -51.37
C GLN C 708 8.69 -0.75 -50.74
N ALA C 709 7.76 -1.33 -49.97
CA ALA C 709 8.04 -2.61 -49.32
C ALA C 709 8.21 -3.71 -50.35
N ASP C 710 9.09 -4.66 -50.04
CA ASP C 710 9.34 -5.77 -50.95
C ASP C 710 8.16 -6.72 -51.03
N HIS C 711 7.40 -6.87 -49.94
CA HIS C 711 6.23 -7.73 -49.90
C HIS C 711 5.15 -7.07 -49.06
N ILE C 712 3.90 -7.21 -49.50
CA ILE C 712 2.76 -6.65 -48.80
C ILE C 712 1.79 -7.79 -48.47
N LEU C 713 1.36 -7.85 -47.22
CA LEU C 713 0.40 -8.85 -46.76
C LEU C 713 -0.83 -8.14 -46.22
N PHE C 714 -2.00 -8.52 -46.72
CA PHE C 714 -3.26 -7.92 -46.29
C PHE C 714 -3.95 -8.88 -45.33
N LEU C 715 -4.18 -8.42 -44.10
CA LEU C 715 -4.75 -9.23 -43.04
C LEU C 715 -6.16 -8.72 -42.72
N GLU C 716 -7.14 -9.61 -42.78
CA GLU C 716 -8.50 -9.29 -42.41
C GLU C 716 -9.15 -10.51 -41.80
N GLY C 717 -9.83 -10.31 -40.67
CA GLY C 717 -10.47 -11.42 -39.98
C GLY C 717 -9.52 -12.45 -39.45
N GLY C 718 -8.28 -12.06 -39.18
CA GLY C 718 -7.28 -12.97 -38.64
C GLY C 718 -6.59 -13.84 -39.67
N ALA C 719 -6.86 -13.67 -40.95
CA ALA C 719 -6.23 -14.45 -42.00
C ALA C 719 -5.71 -13.50 -43.08
N ILE C 720 -4.64 -13.94 -43.75
CA ILE C 720 -4.04 -13.16 -44.83
C ILE C 720 -4.84 -13.42 -46.10
N ARG C 721 -5.49 -12.39 -46.62
CA ARG C 721 -6.34 -12.55 -47.79
C ARG C 721 -5.61 -12.33 -49.09
N GLU C 722 -4.70 -11.35 -49.13
CA GLU C 722 -3.97 -11.04 -50.35
C GLU C 722 -2.50 -10.84 -50.02
N GLY C 723 -1.64 -11.11 -50.99
CA GLY C 723 -0.21 -10.95 -50.80
C GLY C 723 0.49 -10.73 -52.13
N GLY C 724 1.58 -9.99 -52.08
CA GLY C 724 2.35 -9.70 -53.27
C GLY C 724 2.96 -8.32 -53.19
N THR C 725 3.57 -7.92 -54.30
CA THR C 725 4.19 -6.61 -54.39
C THR C 725 3.12 -5.53 -54.58
N HIS C 726 3.56 -4.27 -54.57
CA HIS C 726 2.63 -3.16 -54.73
C HIS C 726 1.94 -3.19 -56.09
N GLN C 727 2.69 -3.45 -57.15
CA GLN C 727 2.11 -3.48 -58.48
C GLN C 727 1.21 -4.71 -58.66
N GLN C 728 1.61 -5.84 -58.09
CA GLN C 728 0.80 -7.06 -58.21
C GLN C 728 -0.57 -6.89 -57.56
N LEU C 729 -0.60 -6.24 -56.40
CA LEU C 729 -1.87 -6.05 -55.69
C LEU C 729 -2.80 -5.11 -56.46
N MET C 730 -2.22 -4.13 -57.16
CA MET C 730 -3.04 -3.21 -57.95
C MET C 730 -3.78 -3.94 -59.08
N GLU C 731 -3.10 -4.87 -59.75
CA GLU C 731 -3.70 -5.58 -60.86
C GLU C 731 -4.71 -6.62 -60.40
N LYS C 732 -4.63 -7.04 -59.14
CA LYS C 732 -5.52 -8.09 -58.65
C LYS C 732 -6.97 -7.65 -58.63
N LYS C 733 -7.24 -6.45 -58.10
CA LYS C 733 -8.59 -5.92 -58.05
C LYS C 733 -8.55 -4.42 -58.31
N GLY C 734 -9.54 -3.93 -59.06
CA GLY C 734 -9.60 -2.53 -59.44
C GLY C 734 -9.65 -1.56 -58.29
N CYS C 735 -8.71 -0.62 -58.26
CA CYS C 735 -8.58 0.46 -57.29
C CYS C 735 -8.40 -0.03 -55.85
N TYR C 736 -8.40 -1.35 -55.64
CA TYR C 736 -8.02 -1.99 -54.38
C TYR C 736 -8.97 -1.69 -53.22
N TRP C 737 -9.96 -0.82 -53.45
CA TRP C 737 -11.00 -0.52 -52.46
C TRP C 737 -10.43 0.10 -51.19
N ALA C 738 -9.12 0.30 -51.12
CA ALA C 738 -8.47 0.85 -49.94
C ALA C 738 -7.71 2.13 -50.21
N MET C 739 -7.62 2.55 -51.47
CA MET C 739 -6.93 3.80 -51.81
C MET C 739 -7.78 4.77 -52.61
N VAL C 740 -8.97 4.40 -53.05
CA VAL C 740 -9.82 5.29 -53.82
C VAL C 740 -11.16 5.48 -53.10
#